data_6EWS
#
_entry.id   6EWS
#
_cell.length_a   1.000
_cell.length_b   1.000
_cell.length_c   1.000
_cell.angle_alpha   90.00
_cell.angle_beta   90.00
_cell.angle_gamma   90.00
#
_symmetry.space_group_name_H-M   'P 1'
#
_entity_poly.entity_id   1
_entity_poly.type   'polypeptide(L)'
_entity_poly.pdbx_seq_one_letter_code
;MKNAAQIVDEALNQGITLFVADNRLQYETSRDNIPEELLNEWKYYRQDLIDFLQQLDAKEETQ
;
_entity_poly.pdbx_strand_id   A
#
# COMPACT_ATOMS: atom_id res chain seq x y z
N MET A 1 -2.67 11.52 -12.52
CA MET A 1 -1.27 11.64 -12.07
C MET A 1 -1.24 11.72 -10.56
N LYS A 2 -1.13 10.56 -9.89
CA LYS A 2 -1.04 10.46 -8.44
C LYS A 2 0.03 9.43 -8.14
N ASN A 3 1.09 9.92 -7.52
CA ASN A 3 2.25 9.18 -7.08
C ASN A 3 1.85 8.40 -5.84
N ALA A 4 2.60 7.33 -5.61
CA ALA A 4 2.46 6.37 -4.52
C ALA A 4 2.29 7.05 -3.18
N ALA A 5 3.16 8.03 -2.90
CA ALA A 5 3.15 8.77 -1.66
C ALA A 5 1.78 9.36 -1.36
N GLN A 6 1.11 9.94 -2.36
CA GLN A 6 -0.21 10.52 -2.15
C GLN A 6 -1.23 9.41 -1.90
N ILE A 7 -1.12 8.28 -2.60
CA ILE A 7 -2.03 7.15 -2.44
C ILE A 7 -1.96 6.66 -0.99
N VAL A 8 -0.75 6.51 -0.44
CA VAL A 8 -0.55 6.07 0.93
C VAL A 8 -1.12 7.13 1.88
N ASP A 9 -0.90 8.43 1.62
CA ASP A 9 -1.42 9.50 2.48
C ASP A 9 -2.93 9.42 2.58
N GLU A 10 -3.61 9.20 1.46
CA GLU A 10 -5.07 9.08 1.39
C GLU A 10 -5.56 7.89 2.21
N ALA A 11 -4.85 6.77 2.15
CA ALA A 11 -5.24 5.58 2.88
C ALA A 11 -5.00 5.74 4.38
N LEU A 12 -3.87 6.34 4.75
CA LEU A 12 -3.45 6.58 6.13
C LEU A 12 -4.55 7.33 6.87
N ASN A 13 -5.22 8.25 6.20
CA ASN A 13 -6.30 9.06 6.72
C ASN A 13 -7.46 8.18 7.24
N GLN A 14 -7.64 6.99 6.65
CA GLN A 14 -8.69 6.03 7.01
C GLN A 14 -8.17 4.96 7.98
N GLY A 15 -6.93 5.11 8.47
CA GLY A 15 -6.30 4.19 9.40
C GLY A 15 -5.84 2.90 8.73
N ILE A 16 -5.31 2.99 7.50
CA ILE A 16 -4.81 1.85 6.75
C ILE A 16 -3.49 2.29 6.12
N THR A 17 -2.46 1.47 6.27
CA THR A 17 -1.13 1.69 5.74
C THR A 17 -0.87 0.72 4.61
N LEU A 18 0.02 1.08 3.68
CA LEU A 18 0.39 0.29 2.54
C LEU A 18 1.86 -0.04 2.71
N PHE A 19 2.21 -1.33 2.66
CA PHE A 19 3.60 -1.80 2.77
C PHE A 19 3.84 -2.91 1.74
N VAL A 20 5.06 -3.43 1.66
CA VAL A 20 5.45 -4.48 0.73
C VAL A 20 6.07 -5.64 1.52
N ALA A 21 5.82 -6.84 0.99
CA ALA A 21 6.29 -8.12 1.45
C ALA A 21 6.05 -9.07 0.28
N ASP A 22 6.87 -10.10 0.15
CA ASP A 22 6.81 -11.15 -0.87
C ASP A 22 6.70 -10.64 -2.30
N ASN A 23 7.25 -9.45 -2.55
CA ASN A 23 7.26 -8.76 -3.82
C ASN A 23 5.87 -8.36 -4.30
N ARG A 24 4.92 -8.22 -3.37
CA ARG A 24 3.53 -7.86 -3.64
C ARG A 24 3.11 -6.70 -2.73
N LEU A 25 1.97 -6.07 -3.04
CA LEU A 25 1.42 -4.96 -2.30
C LEU A 25 0.62 -5.52 -1.11
N GLN A 26 0.82 -4.99 0.10
CA GLN A 26 0.10 -5.40 1.30
C GLN A 26 -0.43 -4.14 1.99
N TYR A 27 -1.38 -4.34 2.88
CA TYR A 27 -2.03 -3.29 3.64
C TYR A 27 -2.14 -3.73 5.10
N GLU A 28 -2.03 -2.76 6.00
CA GLU A 28 -2.06 -2.95 7.44
C GLU A 28 -3.02 -1.92 8.04
N THR A 29 -4.17 -2.34 8.56
CA THR A 29 -5.16 -1.45 9.14
C THR A 29 -5.61 -1.93 10.52
N SER A 30 -6.33 -1.08 11.24
CA SER A 30 -6.88 -1.34 12.56
C SER A 30 -8.41 -1.52 12.47
N ARG A 31 -8.99 -1.44 11.27
CA ARG A 31 -10.43 -1.61 11.06
C ARG A 31 -10.78 -3.07 11.27
N ASP A 32 -12.06 -3.40 11.45
CA ASP A 32 -12.49 -4.79 11.64
C ASP A 32 -12.47 -5.54 10.31
N ASN A 33 -12.47 -4.80 9.21
CA ASN A 33 -12.45 -5.23 7.83
C ASN A 33 -12.10 -4.02 6.97
N ILE A 34 -11.51 -4.26 5.80
CA ILE A 34 -11.14 -3.20 4.86
C ILE A 34 -12.23 -3.23 3.78
N PRO A 35 -12.80 -2.10 3.39
CA PRO A 35 -13.82 -2.08 2.37
C PRO A 35 -13.22 -2.47 1.02
N GLU A 36 -14.04 -3.06 0.17
CA GLU A 36 -13.64 -3.49 -1.17
C GLU A 36 -13.16 -2.32 -2.02
N GLU A 37 -13.82 -1.17 -1.95
CA GLU A 37 -13.42 0.01 -2.72
C GLU A 37 -11.97 0.39 -2.43
N LEU A 38 -11.54 0.33 -1.17
CA LEU A 38 -10.18 0.67 -0.76
C LEU A 38 -9.24 -0.31 -1.44
N LEU A 39 -9.54 -1.60 -1.33
CA LEU A 39 -8.71 -2.63 -1.94
C LEU A 39 -8.64 -2.37 -3.43
N ASN A 40 -9.77 -2.15 -4.09
CA ASN A 40 -9.89 -1.90 -5.51
C ASN A 40 -9.06 -0.70 -5.94
N GLU A 41 -9.07 0.38 -5.16
CA GLU A 41 -8.32 1.59 -5.45
C GLU A 41 -6.83 1.30 -5.33
N TRP A 42 -6.42 0.62 -4.27
CA TRP A 42 -5.02 0.28 -4.06
C TRP A 42 -4.55 -0.76 -5.08
N LYS A 43 -5.44 -1.64 -5.55
CA LYS A 43 -5.16 -2.65 -6.55
C LYS A 43 -4.93 -1.97 -7.89
N TYR A 44 -5.59 -0.84 -8.16
CA TYR A 44 -5.39 -0.17 -9.45
C TYR A 44 -3.96 0.39 -9.58
N TYR A 45 -3.41 0.90 -8.48
CA TYR A 45 -2.07 1.49 -8.40
C TYR A 45 -1.09 0.63 -7.61
N ARG A 46 -1.32 -0.68 -7.43
CA ARG A 46 -0.40 -1.54 -6.67
C ARG A 46 1.04 -1.42 -7.13
N GLN A 47 1.31 -1.42 -8.45
CA GLN A 47 2.68 -1.34 -8.95
C GLN A 47 3.28 0.03 -8.68
N ASP A 48 2.45 1.08 -8.70
CA ASP A 48 2.91 2.44 -8.43
C ASP A 48 3.35 2.49 -6.98
N LEU A 49 2.48 1.96 -6.12
CA LEU A 49 2.65 1.86 -4.69
C LEU A 49 3.94 1.10 -4.43
N ILE A 50 3.99 -0.21 -4.78
CA ILE A 50 5.13 -1.09 -4.57
C ILE A 50 6.45 -0.40 -4.87
N ASP A 51 6.57 0.25 -6.02
CA ASP A 51 7.78 0.94 -6.43
C ASP A 51 8.38 1.79 -5.32
N PHE A 52 7.54 2.57 -4.64
CA PHE A 52 7.96 3.42 -3.54
C PHE A 52 7.93 2.68 -2.20
N LEU A 53 7.02 1.71 -2.03
CA LEU A 53 6.85 0.95 -0.78
C LEU A 53 8.11 0.17 -0.42
N GLN A 54 8.79 -0.36 -1.44
CA GLN A 54 10.02 -1.11 -1.29
C GLN A 54 11.02 -0.27 -0.49
N GLN A 55 11.24 0.95 -0.99
CA GLN A 55 12.14 1.96 -0.45
C GLN A 55 11.70 2.43 0.93
N LEU A 56 10.39 2.54 1.14
CA LEU A 56 9.78 2.96 2.40
C LEU A 56 10.19 2.02 3.54
N ASP A 57 10.45 0.75 3.22
CA ASP A 57 10.85 -0.26 4.20
C ASP A 57 12.36 -0.44 4.30
N ALA A 58 13.10 0.01 3.27
CA ALA A 58 14.56 -0.03 3.14
C ALA A 58 15.20 -1.29 3.72
N LYS A 59 14.67 -2.43 3.28
CA LYS A 59 15.07 -3.79 3.64
C LYS A 59 16.30 -4.23 2.86
N GLU A 60 16.65 -5.52 2.99
CA GLU A 60 17.76 -6.20 2.35
C GLU A 60 17.65 -6.08 0.83
N GLU A 61 18.57 -5.39 0.17
CA GLU A 61 18.58 -5.22 -1.27
C GLU A 61 19.99 -5.17 -1.82
N THR A 62 20.09 -5.18 -3.15
CA THR A 62 21.32 -5.13 -3.90
C THR A 62 21.81 -3.68 -3.85
N GLN A 63 22.62 -3.36 -2.83
CA GLN A 63 23.19 -2.03 -2.62
C GLN A 63 24.39 -1.88 -3.53
N MET A 1 -2.00 12.72 -12.15
CA MET A 1 -1.31 11.53 -11.64
C MET A 1 -1.22 11.59 -10.12
N LYS A 2 -1.25 10.42 -9.48
CA LYS A 2 -1.17 10.33 -8.03
C LYS A 2 -0.08 9.36 -7.60
N ASN A 3 1.09 9.89 -7.27
CA ASN A 3 2.21 9.07 -6.84
C ASN A 3 1.86 8.27 -5.59
N ALA A 4 2.59 7.18 -5.36
CA ALA A 4 2.35 6.33 -4.21
C ALA A 4 2.26 7.16 -2.93
N ALA A 5 3.15 8.14 -2.79
CA ALA A 5 3.18 9.00 -1.62
C ALA A 5 1.80 9.60 -1.36
N GLN A 6 1.09 9.93 -2.44
CA GLN A 6 -0.24 10.52 -2.33
C GLN A 6 -1.28 9.45 -2.02
N ILE A 7 -1.13 8.28 -2.64
CA ILE A 7 -2.07 7.19 -2.44
C ILE A 7 -2.00 6.67 -1.00
N VAL A 8 -0.80 6.35 -0.54
CA VAL A 8 -0.61 5.85 0.81
C VAL A 8 -1.14 6.85 1.84
N ASP A 9 -0.90 8.13 1.60
CA ASP A 9 -1.35 9.17 2.50
C ASP A 9 -2.88 9.18 2.61
N GLU A 10 -3.54 8.96 1.48
CA GLU A 10 -5.00 8.93 1.45
C GLU A 10 -5.55 7.76 2.25
N ALA A 11 -4.88 6.61 2.13
CA ALA A 11 -5.31 5.41 2.84
C ALA A 11 -5.05 5.54 4.34
N LEU A 12 -3.90 6.11 4.69
CA LEU A 12 -3.54 6.30 6.10
C LEU A 12 -4.62 7.08 6.84
N ASN A 13 -5.25 8.03 6.14
CA ASN A 13 -6.30 8.84 6.73
C ASN A 13 -7.44 7.97 7.26
N GLN A 14 -7.70 6.86 6.57
CA GLN A 14 -8.75 5.94 6.97
C GLN A 14 -8.25 4.97 8.03
N GLY A 15 -6.96 5.04 8.34
CA GLY A 15 -6.38 4.17 9.34
C GLY A 15 -5.76 2.92 8.74
N ILE A 16 -5.54 2.96 7.43
CA ILE A 16 -4.96 1.82 6.72
C ILE A 16 -3.65 2.21 6.04
N THR A 17 -2.59 1.46 6.33
CA THR A 17 -1.28 1.73 5.73
C THR A 17 -0.95 0.70 4.66
N LEU A 18 -0.09 1.10 3.73
CA LEU A 18 0.32 0.21 2.65
C LEU A 18 1.77 -0.24 2.82
N PHE A 19 2.00 -1.54 2.64
CA PHE A 19 3.35 -2.09 2.78
C PHE A 19 3.62 -3.14 1.70
N VAL A 20 4.89 -3.47 1.51
CA VAL A 20 5.28 -4.46 0.51
C VAL A 20 5.88 -5.70 1.17
N ALA A 21 5.54 -6.86 0.62
CA ALA A 21 6.05 -8.12 1.15
C ALA A 21 5.91 -9.25 0.13
N ASP A 22 6.96 -10.06 0.01
CA ASP A 22 6.96 -11.17 -0.93
C ASP A 22 6.88 -10.67 -2.37
N ASN A 23 7.39 -9.45 -2.58
CA ASN A 23 7.37 -8.85 -3.92
C ASN A 23 5.94 -8.61 -4.39
N ARG A 24 5.06 -8.25 -3.46
CA ARG A 24 3.67 -8.00 -3.79
C ARG A 24 3.11 -6.87 -2.93
N LEU A 25 2.02 -6.25 -3.39
CA LEU A 25 1.40 -5.15 -2.67
C LEU A 25 0.59 -5.68 -1.49
N GLN A 26 0.75 -5.03 -0.33
CA GLN A 26 0.03 -5.43 0.87
C GLN A 26 -0.55 -4.21 1.58
N TYR A 27 -1.25 -4.45 2.69
CA TYR A 27 -1.85 -3.37 3.46
C TYR A 27 -2.08 -3.80 4.90
N GLU A 28 -1.88 -2.87 5.83
CA GLU A 28 -2.06 -3.15 7.25
C GLU A 28 -2.92 -2.07 7.91
N THR A 29 -4.06 -2.49 8.45
CA THR A 29 -4.98 -1.57 9.11
C THR A 29 -5.46 -2.13 10.44
N SER A 30 -5.90 -1.25 11.33
CA SER A 30 -6.39 -1.65 12.64
C SER A 30 -7.91 -1.53 12.72
N ARG A 31 -8.56 -1.51 11.56
CA ARG A 31 -10.00 -1.39 11.49
C ARG A 31 -10.66 -2.77 11.59
N ASP A 32 -11.98 -2.78 11.75
CA ASP A 32 -12.72 -4.03 11.84
C ASP A 32 -12.71 -4.77 10.52
N ASN A 33 -12.53 -4.04 9.43
CA ASN A 33 -12.50 -4.63 8.10
C ASN A 33 -12.20 -3.57 7.03
N ILE A 34 -11.68 -4.02 5.90
CA ILE A 34 -11.35 -3.11 4.81
C ILE A 34 -12.36 -3.23 3.67
N PRO A 35 -12.92 -2.10 3.24
CA PRO A 35 -13.89 -2.06 2.15
C PRO A 35 -13.28 -2.37 0.80
N GLU A 36 -14.05 -3.01 -0.07
CA GLU A 36 -13.57 -3.37 -1.41
C GLU A 36 -13.07 -2.15 -2.16
N GLU A 37 -13.83 -1.05 -2.06
CA GLU A 37 -13.48 0.20 -2.73
C GLU A 37 -12.05 0.61 -2.38
N LEU A 38 -11.64 0.32 -1.16
CA LEU A 38 -10.29 0.65 -0.70
C LEU A 38 -9.25 -0.25 -1.35
N LEU A 39 -9.54 -1.55 -1.38
CA LEU A 39 -8.63 -2.52 -1.97
C LEU A 39 -8.51 -2.32 -3.47
N ASN A 40 -9.66 -2.12 -4.12
CA ASN A 40 -9.69 -1.92 -5.57
C ASN A 40 -8.91 -0.66 -5.96
N GLU A 41 -8.92 0.33 -5.07
CA GLU A 41 -8.22 1.58 -5.31
C GLU A 41 -6.70 1.37 -5.26
N TRP A 42 -6.23 0.77 -4.17
CA TRP A 42 -4.81 0.52 -4.00
C TRP A 42 -4.31 -0.51 -5.01
N LYS A 43 -5.11 -1.54 -5.25
CA LYS A 43 -4.76 -2.59 -6.20
C LYS A 43 -4.59 -2.02 -7.60
N TYR A 44 -5.35 -0.98 -7.91
CA TYR A 44 -5.28 -0.33 -9.22
C TYR A 44 -3.88 0.20 -9.49
N TYR A 45 -3.23 0.70 -8.44
CA TYR A 45 -1.89 1.25 -8.56
C TYR A 45 -0.89 0.46 -7.71
N ARG A 46 -1.20 -0.81 -7.48
CA ARG A 46 -0.34 -1.68 -6.69
C ARG A 46 1.11 -1.60 -7.17
N GLN A 47 1.28 -1.46 -8.48
CA GLN A 47 2.61 -1.37 -9.07
C GLN A 47 3.30 -0.07 -8.69
N ASP A 48 2.55 1.03 -8.80
CA ASP A 48 3.09 2.35 -8.47
C ASP A 48 3.37 2.46 -6.97
N LEU A 49 2.55 1.78 -6.17
CA LEU A 49 2.70 1.80 -4.73
C LEU A 49 3.91 0.98 -4.29
N ILE A 50 3.97 -0.27 -4.74
CA ILE A 50 5.07 -1.15 -4.40
C ILE A 50 6.42 -0.46 -4.61
N ASP A 51 6.56 0.23 -5.74
CA ASP A 51 7.79 0.94 -6.05
C ASP A 51 8.23 1.81 -4.89
N PHE A 52 7.29 2.56 -4.34
CA PHE A 52 7.57 3.44 -3.21
C PHE A 52 7.65 2.66 -1.90
N LEU A 53 6.76 1.67 -1.75
CA LEU A 53 6.72 0.86 -0.56
C LEU A 53 8.10 0.24 -0.28
N GLN A 54 8.71 -0.31 -1.32
CA GLN A 54 10.03 -0.93 -1.19
C GLN A 54 11.03 0.04 -0.60
N GLN A 55 10.97 1.29 -1.04
CA GLN A 55 11.89 2.32 -0.55
C GLN A 55 11.46 2.80 0.84
N LEU A 56 10.16 2.89 1.05
CA LEU A 56 9.63 3.33 2.34
C LEU A 56 10.15 2.46 3.48
N ASP A 57 10.29 1.17 3.20
CA ASP A 57 10.79 0.23 4.21
C ASP A 57 12.28 -0.01 4.03
N ALA A 58 12.79 0.31 2.85
CA ALA A 58 14.21 0.12 2.55
C ALA A 58 14.69 -1.26 3.01
N LYS A 59 13.82 -2.25 2.86
CA LYS A 59 14.15 -3.62 3.25
C LYS A 59 14.15 -4.55 2.05
N GLU A 60 15.03 -5.54 2.07
CA GLU A 60 15.13 -6.50 0.98
C GLU A 60 14.71 -7.89 1.43
N GLU A 61 13.94 -8.57 0.61
CA GLU A 61 13.46 -9.92 0.92
C GLU A 61 13.45 -10.79 -0.33
N THR A 62 14.37 -11.75 -0.38
CA THR A 62 14.46 -12.65 -1.52
C THR A 62 13.50 -13.83 -1.37
N GLN A 63 13.63 -14.81 -2.25
CA GLN A 63 12.76 -15.99 -2.22
C GLN A 63 13.58 -17.26 -2.36
N MET A 1 -2.42 11.68 -12.80
CA MET A 1 -1.38 10.89 -12.11
C MET A 1 -1.45 11.17 -10.62
N LYS A 2 -1.03 10.22 -9.79
CA LYS A 2 -1.02 10.35 -8.34
C LYS A 2 0.12 9.47 -7.87
N ASN A 3 1.21 10.11 -7.46
CA ASN A 3 2.40 9.43 -6.99
C ASN A 3 1.99 8.57 -5.80
N ALA A 4 2.68 7.45 -5.60
CA ALA A 4 2.48 6.49 -4.53
C ALA A 4 2.29 7.15 -3.19
N ALA A 5 3.12 8.15 -2.90
CA ALA A 5 3.10 8.90 -1.66
C ALA A 5 1.70 9.45 -1.34
N GLN A 6 0.99 10.00 -2.35
CA GLN A 6 -0.34 10.57 -2.22
C GLN A 6 -1.38 9.47 -1.96
N ILE A 7 -1.18 8.28 -2.55
CA ILE A 7 -2.07 7.14 -2.41
C ILE A 7 -2.00 6.63 -0.97
N VAL A 8 -0.78 6.47 -0.44
CA VAL A 8 -0.63 5.98 0.94
C VAL A 8 -1.17 7.02 1.91
N ASP A 9 -0.96 8.32 1.66
CA ASP A 9 -1.48 9.38 2.52
C ASP A 9 -3.00 9.29 2.63
N GLU A 10 -3.68 9.12 1.49
CA GLU A 10 -5.13 9.00 1.48
C GLU A 10 -5.56 7.77 2.30
N ALA A 11 -4.86 6.64 2.16
CA ALA A 11 -5.20 5.43 2.90
C ALA A 11 -5.00 5.61 4.40
N LEU A 12 -3.86 6.20 4.78
CA LEU A 12 -3.46 6.46 6.15
C LEU A 12 -4.53 7.25 6.90
N ASN A 13 -5.17 8.21 6.22
CA ASN A 13 -6.24 9.03 6.78
C ASN A 13 -7.36 8.14 7.32
N GLN A 14 -7.61 7.01 6.67
CA GLN A 14 -8.64 6.04 7.05
C GLN A 14 -8.11 5.00 8.05
N GLY A 15 -6.84 5.09 8.43
CA GLY A 15 -6.20 4.18 9.36
C GLY A 15 -5.72 2.90 8.70
N ILE A 16 -5.26 2.96 7.45
CA ILE A 16 -4.76 1.82 6.71
C ILE A 16 -3.48 2.28 6.02
N THR A 17 -2.41 1.53 6.17
CA THR A 17 -1.11 1.83 5.58
C THR A 17 -0.81 0.74 4.55
N LEU A 18 0.03 1.06 3.56
CA LEU A 18 0.42 0.15 2.50
C LEU A 18 1.85 -0.29 2.75
N PHE A 19 2.15 -1.58 2.55
CA PHE A 19 3.48 -2.16 2.74
C PHE A 19 3.77 -3.23 1.68
N VAL A 20 5.04 -3.62 1.52
CA VAL A 20 5.48 -4.64 0.56
C VAL A 20 6.06 -5.84 1.34
N ALA A 21 5.80 -7.03 0.83
CA ALA A 21 6.25 -8.32 1.32
C ALA A 21 6.06 -9.24 0.14
N ASP A 22 6.94 -10.23 -0.03
CA ASP A 22 6.83 -11.21 -1.12
C ASP A 22 6.73 -10.57 -2.50
N ASN A 23 7.39 -9.42 -2.67
CA ASN A 23 7.40 -8.65 -3.92
C ASN A 23 5.97 -8.26 -4.36
N ARG A 24 4.99 -8.28 -3.45
CA ARG A 24 3.60 -7.96 -3.73
C ARG A 24 3.11 -6.83 -2.84
N LEU A 25 1.98 -6.21 -3.20
CA LEU A 25 1.36 -5.12 -2.45
C LEU A 25 0.60 -5.73 -1.26
N GLN A 26 0.73 -5.14 -0.08
CA GLN A 26 0.06 -5.52 1.16
C GLN A 26 -0.36 -4.25 1.88
N TYR A 27 -1.07 -4.42 2.99
CA TYR A 27 -1.58 -3.34 3.79
C TYR A 27 -1.64 -3.78 5.24
N GLU A 28 -1.69 -2.79 6.11
CA GLU A 28 -1.80 -2.96 7.54
C GLU A 28 -2.74 -1.89 8.05
N THR A 29 -3.84 -2.31 8.69
CA THR A 29 -4.84 -1.45 9.26
C THR A 29 -5.19 -1.99 10.66
N SER A 30 -6.20 -1.37 11.24
CA SER A 30 -6.78 -1.68 12.54
C SER A 30 -8.29 -1.44 12.47
N ARG A 31 -8.86 -1.43 11.25
CA ARG A 31 -10.29 -1.25 11.00
C ARG A 31 -10.95 -2.60 11.30
N ASP A 32 -12.27 -2.66 11.40
CA ASP A 32 -12.97 -3.92 11.67
C ASP A 32 -12.85 -4.87 10.48
N ASN A 33 -12.59 -4.31 9.28
CA ASN A 33 -12.41 -4.97 7.99
C ASN A 33 -12.18 -3.85 6.97
N ILE A 34 -11.46 -4.13 5.89
CA ILE A 34 -11.19 -3.14 4.84
C ILE A 34 -12.32 -3.20 3.80
N PRO A 35 -12.86 -2.04 3.36
CA PRO A 35 -13.90 -2.02 2.34
C PRO A 35 -13.32 -2.46 0.99
N GLU A 36 -14.19 -2.92 0.09
CA GLU A 36 -13.78 -3.37 -1.24
C GLU A 36 -13.27 -2.23 -2.11
N GLU A 37 -13.88 -1.06 -2.01
CA GLU A 37 -13.51 0.12 -2.78
C GLU A 37 -12.05 0.48 -2.52
N LEU A 38 -11.57 0.35 -1.26
CA LEU A 38 -10.20 0.64 -0.89
C LEU A 38 -9.30 -0.39 -1.56
N LEU A 39 -9.65 -1.68 -1.45
CA LEU A 39 -8.86 -2.73 -2.05
C LEU A 39 -8.77 -2.51 -3.55
N ASN A 40 -9.89 -2.20 -4.19
CA ASN A 40 -9.98 -1.96 -5.62
C ASN A 40 -9.05 -0.83 -6.06
N GLU A 41 -9.01 0.26 -5.30
CA GLU A 41 -8.16 1.41 -5.63
C GLU A 41 -6.70 1.02 -5.46
N TRP A 42 -6.33 0.42 -4.33
CA TRP A 42 -4.95 -0.01 -4.10
C TRP A 42 -4.54 -1.07 -5.12
N LYS A 43 -5.43 -1.97 -5.52
CA LYS A 43 -5.17 -3.02 -6.50
C LYS A 43 -4.81 -2.37 -7.82
N TYR A 44 -5.48 -1.27 -8.16
CA TYR A 44 -5.21 -0.57 -9.40
C TYR A 44 -3.76 -0.10 -9.43
N TYR A 45 -3.41 0.84 -8.55
CA TYR A 45 -2.11 1.46 -8.39
C TYR A 45 -1.12 0.60 -7.59
N ARG A 46 -1.30 -0.73 -7.51
CA ARG A 46 -0.40 -1.58 -6.74
C ARG A 46 1.05 -1.37 -7.18
N GLN A 47 1.28 -1.26 -8.49
CA GLN A 47 2.59 -1.06 -9.08
C GLN A 47 3.17 0.27 -8.64
N ASP A 48 2.35 1.33 -8.68
CA ASP A 48 2.79 2.67 -8.32
C ASP A 48 3.22 2.66 -6.86
N LEU A 49 2.36 2.10 -6.01
CA LEU A 49 2.52 1.95 -4.59
C LEU A 49 3.83 1.23 -4.31
N ILE A 50 3.90 -0.07 -4.64
CA ILE A 50 5.05 -0.94 -4.40
C ILE A 50 6.37 -0.24 -4.69
N ASP A 51 6.49 0.45 -5.81
CA ASP A 51 7.72 1.14 -6.20
C ASP A 51 8.26 1.98 -5.05
N PHE A 52 7.38 2.73 -4.39
CA PHE A 52 7.75 3.56 -3.26
C PHE A 52 7.78 2.74 -1.97
N LEU A 53 6.94 1.71 -1.85
CA LEU A 53 6.87 0.84 -0.66
C LEU A 53 8.18 0.15 -0.36
N GLN A 54 8.82 -0.36 -1.41
CA GLN A 54 10.08 -1.06 -1.29
C GLN A 54 11.09 -0.14 -0.58
N GLN A 55 11.11 1.13 -0.99
CA GLN A 55 11.97 2.20 -0.48
C GLN A 55 11.61 2.53 0.96
N LEU A 56 10.32 2.66 1.26
CA LEU A 56 9.79 2.99 2.58
C LEU A 56 10.30 2.04 3.66
N ASP A 57 10.34 0.74 3.40
CA ASP A 57 10.84 -0.23 4.39
C ASP A 57 12.35 -0.42 4.25
N ALA A 58 12.88 -0.21 3.04
CA ALA A 58 14.28 -0.35 2.65
C ALA A 58 14.84 -1.76 2.91
N LYS A 59 13.97 -2.75 3.10
CA LYS A 59 14.31 -4.13 3.34
C LYS A 59 14.42 -4.82 1.99
N GLU A 60 15.27 -5.82 1.94
CA GLU A 60 15.58 -6.64 0.78
C GLU A 60 15.91 -8.04 1.29
N GLU A 61 14.89 -8.86 1.54
CA GLU A 61 15.05 -10.22 2.04
C GLU A 61 14.52 -11.23 1.02
N THR A 62 14.94 -12.49 1.11
CA THR A 62 14.53 -13.55 0.21
C THR A 62 14.08 -14.79 0.97
N GLN A 63 12.77 -14.95 1.07
CA GLN A 63 12.08 -16.05 1.71
C GLN A 63 12.39 -17.31 0.92
N MET A 1 -0.77 10.30 -12.36
CA MET A 1 -1.28 11.60 -11.87
C MET A 1 -1.38 11.72 -10.34
N LYS A 2 -1.17 10.64 -9.60
CA LYS A 2 -1.20 10.62 -8.14
C LYS A 2 -0.10 9.63 -7.77
N ASN A 3 1.06 10.14 -7.36
CA ASN A 3 2.20 9.31 -6.99
C ASN A 3 1.83 8.46 -5.78
N ALA A 4 2.50 7.31 -5.61
CA ALA A 4 2.32 6.36 -4.54
C ALA A 4 2.19 7.03 -3.19
N ALA A 5 3.11 7.96 -2.93
CA ALA A 5 3.17 8.69 -1.70
C ALA A 5 1.81 9.28 -1.32
N GLN A 6 1.15 9.93 -2.29
CA GLN A 6 -0.14 10.53 -2.07
C GLN A 6 -1.21 9.47 -1.81
N ILE A 7 -1.16 8.34 -2.52
CA ILE A 7 -2.14 7.27 -2.38
C ILE A 7 -2.06 6.68 -0.96
N VAL A 8 -0.85 6.49 -0.43
CA VAL A 8 -0.70 5.98 0.92
C VAL A 8 -1.19 7.03 1.91
N ASP A 9 -0.85 8.30 1.71
CA ASP A 9 -1.26 9.41 2.57
C ASP A 9 -2.79 9.49 2.66
N GLU A 10 -3.46 9.24 1.54
CA GLU A 10 -4.91 9.23 1.43
C GLU A 10 -5.48 8.01 2.18
N ALA A 11 -4.84 6.82 2.09
CA ALA A 11 -5.28 5.60 2.77
C ALA A 11 -5.11 5.81 4.28
N LEU A 12 -4.00 6.43 4.68
CA LEU A 12 -3.63 6.74 6.05
C LEU A 12 -4.74 7.56 6.70
N ASN A 13 -5.40 8.42 5.92
CA ASN A 13 -6.50 9.25 6.39
C ASN A 13 -7.66 8.39 6.91
N GLN A 14 -7.79 7.17 6.36
CA GLN A 14 -8.80 6.18 6.71
C GLN A 14 -8.23 5.17 7.72
N GLY A 15 -7.05 5.44 8.29
CA GLY A 15 -6.40 4.60 9.26
C GLY A 15 -5.85 3.30 8.68
N ILE A 16 -5.37 3.29 7.43
CA ILE A 16 -4.82 2.12 6.78
C ILE A 16 -3.50 2.48 6.09
N THR A 17 -2.47 1.69 6.36
CA THR A 17 -1.12 1.81 5.84
C THR A 17 -0.94 0.78 4.74
N LEU A 18 0.04 1.00 3.85
CA LEU A 18 0.36 0.12 2.74
C LEU A 18 1.79 -0.33 2.93
N PHE A 19 2.06 -1.62 2.68
CA PHE A 19 3.39 -2.22 2.82
C PHE A 19 3.70 -3.22 1.70
N VAL A 20 4.96 -3.68 1.61
CA VAL A 20 5.45 -4.65 0.62
C VAL A 20 6.18 -5.78 1.34
N ALA A 21 5.92 -6.99 0.87
CA ALA A 21 6.48 -8.25 1.31
C ALA A 21 6.23 -9.19 0.14
N ASP A 22 7.05 -10.22 -0.05
CA ASP A 22 6.88 -11.19 -1.14
C ASP A 22 6.81 -10.48 -2.52
N ASN A 23 7.44 -9.31 -2.64
CA ASN A 23 7.49 -8.43 -3.82
C ASN A 23 6.10 -7.94 -4.26
N ARG A 24 5.07 -8.11 -3.42
CA ARG A 24 3.69 -7.75 -3.72
C ARG A 24 3.12 -6.65 -2.81
N LEU A 25 2.00 -6.06 -3.21
CA LEU A 25 1.33 -4.99 -2.46
C LEU A 25 0.52 -5.61 -1.32
N GLN A 26 0.66 -5.06 -0.12
CA GLN A 26 -0.04 -5.44 1.09
C GLN A 26 -0.52 -4.18 1.80
N TYR A 27 -1.40 -4.35 2.78
CA TYR A 27 -2.00 -3.27 3.56
C TYR A 27 -2.06 -3.70 5.01
N GLU A 28 -2.09 -2.72 5.91
CA GLU A 28 -2.15 -2.96 7.34
C GLU A 28 -3.02 -1.88 7.99
N THR A 29 -4.03 -2.31 8.72
CA THR A 29 -4.97 -1.45 9.44
C THR A 29 -5.52 -2.17 10.67
N SER A 30 -5.91 -1.40 11.68
CA SER A 30 -6.50 -1.88 12.92
C SER A 30 -8.03 -1.85 12.81
N ARG A 31 -8.58 -1.65 11.60
CA ARG A 31 -10.01 -1.63 11.33
C ARG A 31 -10.59 -3.01 11.57
N ASP A 32 -11.92 -3.15 11.50
CA ASP A 32 -12.59 -4.44 11.73
C ASP A 32 -12.55 -5.31 10.46
N ASN A 33 -12.38 -4.68 9.31
CA ASN A 33 -12.29 -5.17 7.94
C ASN A 33 -12.03 -3.96 7.05
N ILE A 34 -11.48 -4.15 5.85
CA ILE A 34 -11.19 -3.09 4.89
C ILE A 34 -12.28 -3.15 3.82
N PRO A 35 -12.85 -2.02 3.37
CA PRO A 35 -13.87 -2.03 2.35
C PRO A 35 -13.27 -2.47 1.01
N GLU A 36 -14.12 -2.99 0.14
CA GLU A 36 -13.72 -3.45 -1.17
C GLU A 36 -13.25 -2.34 -2.07
N GLU A 37 -13.84 -1.15 -1.97
CA GLU A 37 -13.44 -0.03 -2.80
C GLU A 37 -11.98 0.33 -2.51
N LEU A 38 -11.56 0.29 -1.24
CA LEU A 38 -10.19 0.60 -0.85
C LEU A 38 -9.28 -0.43 -1.50
N LEU A 39 -9.65 -1.70 -1.40
CA LEU A 39 -8.88 -2.78 -2.00
C LEU A 39 -8.77 -2.54 -3.49
N ASN A 40 -9.88 -2.34 -4.18
CA ASN A 40 -10.00 -2.11 -5.62
C ASN A 40 -9.18 -0.91 -6.10
N GLU A 41 -9.09 0.14 -5.28
CA GLU A 41 -8.35 1.35 -5.55
C GLU A 41 -6.86 1.04 -5.46
N TRP A 42 -6.41 0.52 -4.33
CA TRP A 42 -5.03 0.15 -4.02
C TRP A 42 -4.53 -0.91 -5.02
N LYS A 43 -5.41 -1.78 -5.51
CA LYS A 43 -5.14 -2.81 -6.50
C LYS A 43 -4.84 -2.16 -7.83
N TYR A 44 -5.43 -1.00 -8.13
CA TYR A 44 -5.22 -0.28 -9.37
C TYR A 44 -3.74 0.14 -9.45
N TYR A 45 -3.32 1.06 -8.58
CA TYR A 45 -1.97 1.60 -8.52
C TYR A 45 -1.00 0.75 -7.71
N ARG A 46 -1.28 -0.54 -7.47
CA ARG A 46 -0.40 -1.41 -6.71
C ARG A 46 1.03 -1.28 -7.20
N GLN A 47 1.24 -1.17 -8.52
CA GLN A 47 2.56 -1.05 -9.12
C GLN A 47 3.22 0.26 -8.69
N ASP A 48 2.49 1.38 -8.75
CA ASP A 48 3.12 2.65 -8.37
C ASP A 48 3.50 2.58 -6.90
N LEU A 49 2.55 2.10 -6.09
CA LEU A 49 2.71 1.93 -4.67
C LEU A 49 3.94 1.12 -4.36
N ILE A 50 3.97 -0.15 -4.77
CA ILE A 50 5.06 -1.07 -4.53
C ILE A 50 6.41 -0.42 -4.77
N ASP A 51 6.57 0.25 -5.90
CA ASP A 51 7.81 0.92 -6.29
C ASP A 51 8.36 1.83 -5.19
N PHE A 52 7.47 2.46 -4.43
CA PHE A 52 7.78 3.34 -3.32
C PHE A 52 7.80 2.56 -2.00
N LEU A 53 6.93 1.56 -1.85
CA LEU A 53 6.83 0.78 -0.62
C LEU A 53 8.11 0.02 -0.33
N GLN A 54 8.74 -0.53 -1.38
CA GLN A 54 9.97 -1.28 -1.22
C GLN A 54 11.04 -0.37 -0.56
N GLN A 55 11.06 0.90 -0.96
CA GLN A 55 11.96 1.96 -0.52
C GLN A 55 11.60 2.52 0.84
N LEU A 56 10.35 2.36 1.28
CA LEU A 56 9.92 2.85 2.58
C LEU A 56 10.44 1.92 3.65
N ASP A 57 10.26 0.61 3.46
CA ASP A 57 10.72 -0.39 4.41
C ASP A 57 12.22 -0.64 4.25
N ALA A 58 12.77 -0.37 3.05
CA ALA A 58 14.18 -0.52 2.69
C ALA A 58 14.75 -1.92 2.96
N LYS A 59 13.87 -2.92 2.96
CA LYS A 59 14.18 -4.31 3.21
C LYS A 59 15.31 -4.81 2.31
N GLU A 60 16.44 -5.17 2.93
CA GLU A 60 17.58 -5.69 2.20
C GLU A 60 17.15 -7.00 1.55
N GLU A 61 17.38 -7.13 0.25
CA GLU A 61 17.05 -8.31 -0.52
C GLU A 61 18.25 -8.74 -1.36
N THR A 62 18.24 -10.00 -1.79
CA THR A 62 19.28 -10.58 -2.60
C THR A 62 19.08 -10.18 -4.06
N GLN A 63 20.12 -10.37 -4.88
CA GLN A 63 20.17 -10.08 -6.29
C GLN A 63 20.97 -11.22 -6.90
N MET A 1 -3.16 11.85 -12.31
CA MET A 1 -1.73 11.75 -11.96
C MET A 1 -1.61 11.78 -10.45
N LYS A 2 -1.32 10.65 -9.80
CA LYS A 2 -1.19 10.56 -8.36
C LYS A 2 -0.11 9.54 -8.03
N ASN A 3 1.02 10.01 -7.52
CA ASN A 3 2.15 9.15 -7.14
C ASN A 3 1.78 8.37 -5.88
N ALA A 4 2.48 7.27 -5.63
CA ALA A 4 2.33 6.36 -4.51
C ALA A 4 2.21 7.07 -3.19
N ALA A 5 3.08 8.06 -2.99
CA ALA A 5 3.10 8.84 -1.79
C ALA A 5 1.71 9.39 -1.45
N GLN A 6 1.04 9.98 -2.44
CA GLN A 6 -0.29 10.55 -2.26
C GLN A 6 -1.33 9.45 -2.01
N ILE A 7 -1.20 8.31 -2.68
CA ILE A 7 -2.15 7.21 -2.52
C ILE A 7 -2.08 6.69 -1.08
N VAL A 8 -0.87 6.41 -0.59
CA VAL A 8 -0.70 5.92 0.79
C VAL A 8 -1.19 6.98 1.77
N ASP A 9 -0.94 8.26 1.51
CA ASP A 9 -1.37 9.34 2.39
C ASP A 9 -2.89 9.32 2.54
N GLU A 10 -3.61 9.07 1.44
CA GLU A 10 -5.06 9.01 1.45
C GLU A 10 -5.53 7.82 2.29
N ALA A 11 -4.90 6.65 2.11
CA ALA A 11 -5.27 5.44 2.84
C ALA A 11 -4.97 5.61 4.34
N LEU A 12 -3.83 6.21 4.67
CA LEU A 12 -3.38 6.45 6.04
C LEU A 12 -4.48 7.15 6.83
N ASN A 13 -5.12 8.14 6.21
CA ASN A 13 -6.21 8.92 6.77
C ASN A 13 -7.38 8.02 7.18
N GLN A 14 -7.61 6.94 6.44
CA GLN A 14 -8.66 5.95 6.68
C GLN A 14 -8.17 4.87 7.65
N GLY A 15 -7.02 5.06 8.29
CA GLY A 15 -6.44 4.14 9.25
C GLY A 15 -5.79 2.91 8.61
N ILE A 16 -5.55 2.89 7.31
CA ILE A 16 -4.97 1.76 6.58
C ILE A 16 -3.69 2.19 5.88
N THR A 17 -2.62 1.43 6.04
CA THR A 17 -1.35 1.72 5.40
C THR A 17 -1.12 0.65 4.34
N LEU A 18 -0.24 0.95 3.39
CA LEU A 18 0.13 0.10 2.29
C LEU A 18 1.60 -0.22 2.50
N PHE A 19 1.96 -1.50 2.49
CA PHE A 19 3.33 -1.96 2.67
C PHE A 19 3.63 -3.07 1.64
N VAL A 20 4.90 -3.46 1.54
CA VAL A 20 5.41 -4.50 0.65
C VAL A 20 6.09 -5.57 1.48
N ALA A 21 5.94 -6.79 1.00
CA ALA A 21 6.45 -8.06 1.46
C ALA A 21 6.22 -9.01 0.28
N ASP A 22 6.96 -10.11 0.18
CA ASP A 22 6.79 -11.11 -0.88
C ASP A 22 6.78 -10.52 -2.31
N ASN A 23 7.44 -9.38 -2.50
CA ASN A 23 7.54 -8.62 -3.75
C ASN A 23 6.17 -8.19 -4.27
N ARG A 24 5.14 -8.16 -3.42
CA ARG A 24 3.77 -7.81 -3.77
C ARG A 24 3.24 -6.69 -2.87
N LEU A 25 2.11 -6.10 -3.27
CA LEU A 25 1.45 -5.03 -2.53
C LEU A 25 0.64 -5.70 -1.41
N GLN A 26 0.65 -5.12 -0.22
CA GLN A 26 -0.06 -5.54 0.98
C GLN A 26 -0.58 -4.27 1.66
N TYR A 27 -1.39 -4.45 2.70
CA TYR A 27 -1.98 -3.38 3.49
C TYR A 27 -2.03 -3.86 4.93
N GLU A 28 -2.08 -2.91 5.85
CA GLU A 28 -2.14 -3.16 7.27
C GLU A 28 -2.96 -2.06 7.92
N THR A 29 -4.08 -2.44 8.54
CA THR A 29 -5.00 -1.56 9.26
C THR A 29 -5.32 -2.22 10.61
N SER A 30 -6.05 -1.53 11.49
CA SER A 30 -6.42 -2.04 12.80
C SER A 30 -7.94 -2.02 13.01
N ARG A 31 -8.68 -1.67 11.95
CA ARG A 31 -10.14 -1.60 11.90
C ARG A 31 -10.72 -3.01 11.93
N ASP A 32 -12.04 -3.09 12.03
CA ASP A 32 -12.75 -4.37 12.02
C ASP A 32 -12.59 -5.05 10.66
N ASN A 33 -12.45 -4.28 9.58
CA ASN A 33 -12.26 -4.78 8.22
C ASN A 33 -11.86 -3.62 7.31
N ILE A 34 -11.81 -3.85 6.00
CA ILE A 34 -11.48 -2.86 4.99
C ILE A 34 -12.53 -2.99 3.88
N PRO A 35 -13.07 -1.89 3.35
CA PRO A 35 -14.04 -1.96 2.27
C PRO A 35 -13.34 -2.40 0.98
N GLU A 36 -14.08 -3.00 0.04
CA GLU A 36 -13.51 -3.45 -1.23
C GLU A 36 -13.08 -2.30 -2.10
N GLU A 37 -13.79 -1.17 -2.04
CA GLU A 37 -13.48 0.00 -2.85
C GLU A 37 -12.05 0.45 -2.57
N LEU A 38 -11.63 0.38 -1.30
CA LEU A 38 -10.30 0.78 -0.87
C LEU A 38 -9.28 -0.18 -1.42
N LEU A 39 -9.54 -1.49 -1.25
CA LEU A 39 -8.64 -2.50 -1.76
C LEU A 39 -8.44 -2.27 -3.23
N ASN A 40 -9.54 -2.21 -3.98
CA ASN A 40 -9.51 -2.00 -5.41
C ASN A 40 -8.81 -0.70 -5.80
N GLU A 41 -9.02 0.38 -5.06
CA GLU A 41 -8.42 1.68 -5.32
C GLU A 41 -6.91 1.57 -5.24
N TRP A 42 -6.38 0.99 -4.18
CA TRP A 42 -4.93 0.85 -4.02
C TRP A 42 -4.39 -0.18 -5.01
N LYS A 43 -5.09 -1.31 -5.20
CA LYS A 43 -4.68 -2.36 -6.13
C LYS A 43 -4.58 -1.81 -7.55
N TYR A 44 -5.40 -0.82 -7.91
CA TYR A 44 -5.42 -0.17 -9.22
C TYR A 44 -4.02 0.37 -9.58
N TYR A 45 -3.24 0.80 -8.58
CA TYR A 45 -1.90 1.35 -8.73
C TYR A 45 -0.91 0.52 -7.91
N ARG A 46 -1.17 -0.78 -7.65
CA ARG A 46 -0.27 -1.62 -6.85
C ARG A 46 1.18 -1.50 -7.32
N GLN A 47 1.41 -1.52 -8.63
CA GLN A 47 2.73 -1.43 -9.23
C GLN A 47 3.40 -0.11 -8.85
N ASP A 48 2.66 1.00 -8.99
CA ASP A 48 3.18 2.33 -8.68
C ASP A 48 3.49 2.43 -7.19
N LEU A 49 2.58 1.90 -6.37
CA LEU A 49 2.68 1.86 -4.93
C LEU A 49 3.96 1.13 -4.57
N ILE A 50 4.05 -0.17 -4.89
CA ILE A 50 5.18 -1.03 -4.59
C ILE A 50 6.50 -0.33 -4.81
N ASP A 51 6.70 0.31 -5.96
CA ASP A 51 7.92 1.02 -6.30
C ASP A 51 8.44 1.84 -5.11
N PHE A 52 7.54 2.62 -4.50
CA PHE A 52 7.82 3.46 -3.35
C PHE A 52 7.73 2.67 -2.03
N LEU A 53 6.80 1.70 -1.91
CA LEU A 53 6.60 0.92 -0.68
C LEU A 53 7.87 0.16 -0.29
N GLN A 54 8.59 -0.31 -1.30
CA GLN A 54 9.82 -1.03 -1.13
C GLN A 54 10.80 -0.19 -0.30
N GLN A 55 10.99 1.05 -0.76
CA GLN A 55 11.88 2.05 -0.20
C GLN A 55 11.45 2.48 1.19
N LEU A 56 10.14 2.49 1.44
CA LEU A 56 9.56 2.87 2.72
C LEU A 56 10.08 1.98 3.85
N ASP A 57 10.32 0.71 3.56
CA ASP A 57 10.83 -0.25 4.53
C ASP A 57 12.32 -0.50 4.31
N ALA A 58 12.78 -0.37 3.06
CA ALA A 58 14.16 -0.60 2.64
C ALA A 58 14.62 -2.01 3.06
N LYS A 59 13.72 -3.01 3.05
CA LYS A 59 14.00 -4.39 3.42
C LYS A 59 13.41 -5.36 2.42
N GLU A 60 14.25 -5.86 1.52
CA GLU A 60 13.84 -6.84 0.53
C GLU A 60 14.18 -8.22 1.07
N GLU A 61 13.32 -9.20 0.83
CA GLU A 61 13.49 -10.58 1.27
C GLU A 61 12.95 -11.53 0.20
N THR A 62 13.03 -12.84 0.44
CA THR A 62 12.56 -13.90 -0.44
C THR A 62 12.01 -15.05 0.42
N GLN A 63 11.57 -16.14 -0.22
CA GLN A 63 11.00 -17.31 0.44
C GLN A 63 12.05 -18.06 1.23
N MET A 1 -1.75 12.09 -12.32
CA MET A 1 -0.49 11.45 -11.89
C MET A 1 -0.36 11.55 -10.37
N LYS A 2 -1.03 10.67 -9.61
CA LYS A 2 -0.99 10.66 -8.15
C LYS A 2 0.07 9.66 -7.73
N ASN A 3 1.25 10.14 -7.32
CA ASN A 3 2.35 9.26 -6.90
C ASN A 3 1.91 8.45 -5.67
N ALA A 4 2.60 7.34 -5.43
CA ALA A 4 2.39 6.40 -4.34
C ALA A 4 2.23 7.09 -3.01
N ALA A 5 3.10 8.07 -2.75
CA ALA A 5 3.10 8.83 -1.52
C ALA A 5 1.74 9.45 -1.22
N GLN A 6 1.13 10.07 -2.23
CA GLN A 6 -0.17 10.72 -2.11
C GLN A 6 -1.25 9.65 -1.87
N ILE A 7 -1.13 8.47 -2.49
CA ILE A 7 -2.10 7.39 -2.33
C ILE A 7 -2.02 6.83 -0.91
N VAL A 8 -0.82 6.52 -0.41
CA VAL A 8 -0.67 6.00 0.95
C VAL A 8 -1.22 7.02 1.95
N ASP A 9 -1.00 8.31 1.74
CA ASP A 9 -1.51 9.37 2.62
C ASP A 9 -3.03 9.31 2.72
N GLU A 10 -3.71 9.11 1.58
CA GLU A 10 -5.16 9.00 1.50
C GLU A 10 -5.64 7.78 2.28
N ALA A 11 -4.94 6.63 2.15
CA ALA A 11 -5.32 5.41 2.84
C ALA A 11 -5.05 5.54 4.34
N LEU A 12 -3.89 6.11 4.70
CA LEU A 12 -3.42 6.31 6.06
C LEU A 12 -4.49 7.03 6.87
N ASN A 13 -5.11 8.04 6.26
CA ASN A 13 -6.18 8.86 6.80
C ASN A 13 -7.35 7.99 7.29
N GLN A 14 -7.60 6.86 6.62
CA GLN A 14 -8.66 5.93 6.95
C GLN A 14 -8.18 4.83 7.92
N GLY A 15 -6.95 4.97 8.44
CA GLY A 15 -6.35 4.02 9.36
C GLY A 15 -5.77 2.81 8.66
N ILE A 16 -5.43 2.87 7.36
CA ILE A 16 -4.87 1.75 6.61
C ILE A 16 -3.61 2.22 5.89
N THR A 17 -2.51 1.52 6.07
CA THR A 17 -1.25 1.84 5.42
C THR A 17 -0.97 0.77 4.38
N LEU A 18 -0.12 1.07 3.40
CA LEU A 18 0.26 0.20 2.32
C LEU A 18 1.72 -0.14 2.53
N PHE A 19 2.05 -1.42 2.52
CA PHE A 19 3.42 -1.92 2.71
C PHE A 19 3.72 -3.03 1.69
N VAL A 20 5.00 -3.43 1.57
CA VAL A 20 5.48 -4.48 0.68
C VAL A 20 6.11 -5.58 1.52
N ALA A 21 5.78 -6.81 1.15
CA ALA A 21 6.22 -8.09 1.69
C ALA A 21 6.07 -9.04 0.50
N ASP A 22 6.92 -10.05 0.39
CA ASP A 22 6.86 -11.04 -0.69
C ASP A 22 6.91 -10.39 -2.08
N ASN A 23 7.52 -9.20 -2.16
CA ASN A 23 7.66 -8.40 -3.39
C ASN A 23 6.28 -7.98 -3.95
N ARG A 24 5.19 -8.13 -3.19
CA ARG A 24 3.82 -7.82 -3.58
C ARG A 24 3.19 -6.71 -2.71
N LEU A 25 2.04 -6.19 -3.13
CA LEU A 25 1.32 -5.13 -2.41
C LEU A 25 0.55 -5.74 -1.23
N GLN A 26 0.69 -5.14 -0.05
CA GLN A 26 0.04 -5.51 1.20
C GLN A 26 -0.49 -4.23 1.84
N TYR A 27 -1.31 -4.38 2.89
CA TYR A 27 -1.92 -3.29 3.63
C TYR A 27 -1.94 -3.70 5.10
N GLU A 28 -1.94 -2.71 5.98
CA GLU A 28 -1.98 -2.91 7.41
C GLU A 28 -2.90 -1.85 8.00
N THR A 29 -4.00 -2.28 8.59
CA THR A 29 -5.02 -1.44 9.21
C THR A 29 -5.50 -1.95 10.57
N SER A 30 -6.31 -1.14 11.22
CA SER A 30 -6.96 -1.35 12.50
C SER A 30 -8.48 -1.27 12.35
N ARG A 31 -8.99 -1.13 11.11
CA ARG A 31 -10.43 -1.08 10.86
C ARG A 31 -10.97 -2.46 11.22
N ASP A 32 -12.29 -2.60 11.34
CA ASP A 32 -12.89 -3.90 11.66
C ASP A 32 -12.57 -4.91 10.54
N ASN A 33 -12.46 -4.43 9.31
CA ASN A 33 -12.14 -5.15 8.09
C ASN A 33 -11.86 -4.09 7.04
N ILE A 34 -11.26 -4.45 5.91
CA ILE A 34 -10.99 -3.48 4.86
C ILE A 34 -12.10 -3.59 3.80
N PRO A 35 -12.73 -2.47 3.42
CA PRO A 35 -13.75 -2.47 2.40
C PRO A 35 -13.09 -2.78 1.06
N GLU A 36 -13.83 -3.39 0.15
CA GLU A 36 -13.30 -3.73 -1.17
C GLU A 36 -13.01 -2.50 -2.00
N GLU A 37 -13.76 -1.41 -1.81
CA GLU A 37 -13.50 -0.20 -2.58
C GLU A 37 -12.08 0.29 -2.31
N LEU A 38 -11.60 0.17 -1.07
CA LEU A 38 -10.26 0.56 -0.68
C LEU A 38 -9.28 -0.36 -1.40
N LEU A 39 -9.56 -1.67 -1.37
CA LEU A 39 -8.70 -2.65 -2.02
C LEU A 39 -8.63 -2.34 -3.51
N ASN A 40 -9.77 -2.09 -4.16
CA ASN A 40 -9.90 -1.77 -5.56
C ASN A 40 -9.09 -0.52 -5.91
N GLU A 41 -9.13 0.50 -5.07
CA GLU A 41 -8.43 1.75 -5.29
C GLU A 41 -6.93 1.52 -5.21
N TRP A 42 -6.45 0.89 -4.14
CA TRP A 42 -5.03 0.66 -3.98
C TRP A 42 -4.50 -0.33 -5.02
N LYS A 43 -5.29 -1.36 -5.37
CA LYS A 43 -4.88 -2.33 -6.37
C LYS A 43 -4.72 -1.67 -7.72
N TYR A 44 -5.53 -0.65 -8.02
CA TYR A 44 -5.48 0.07 -9.29
C TYR A 44 -4.08 0.64 -9.57
N TYR A 45 -3.33 0.99 -8.53
CA TYR A 45 -1.99 1.54 -8.60
C TYR A 45 -1.02 0.67 -7.79
N ARG A 46 -1.29 -0.63 -7.57
CA ARG A 46 -0.42 -1.49 -6.77
C ARG A 46 1.02 -1.42 -7.25
N GLN A 47 1.24 -1.42 -8.57
CA GLN A 47 2.56 -1.38 -9.14
C GLN A 47 3.26 -0.06 -8.83
N ASP A 48 2.54 1.06 -8.97
CA ASP A 48 3.07 2.39 -8.71
C ASP A 48 3.46 2.50 -7.24
N LEU A 49 2.58 1.94 -6.39
CA LEU A 49 2.71 1.88 -4.94
C LEU A 49 3.95 1.09 -4.61
N ILE A 50 3.96 -0.22 -4.91
CA ILE A 50 5.04 -1.17 -4.64
C ILE A 50 6.39 -0.52 -4.87
N ASP A 51 6.61 0.10 -6.03
CA ASP A 51 7.86 0.75 -6.38
C ASP A 51 8.38 1.62 -5.22
N PHE A 52 7.54 2.49 -4.68
CA PHE A 52 7.87 3.36 -3.56
C PHE A 52 7.82 2.59 -2.23
N LEU A 53 6.93 1.60 -2.09
CA LEU A 53 6.79 0.82 -0.86
C LEU A 53 8.06 0.03 -0.55
N GLN A 54 8.72 -0.47 -1.58
CA GLN A 54 9.95 -1.22 -1.42
C GLN A 54 11.00 -0.35 -0.73
N GLN A 55 11.02 0.92 -1.11
CA GLN A 55 11.93 1.93 -0.58
C GLN A 55 11.53 2.36 0.82
N LEU A 56 10.23 2.39 1.14
CA LEU A 56 9.72 2.77 2.46
C LEU A 56 10.31 1.83 3.51
N ASP A 57 10.18 0.52 3.27
CA ASP A 57 10.69 -0.51 4.19
C ASP A 57 12.18 -0.75 4.02
N ALA A 58 12.70 -0.52 2.81
CA ALA A 58 14.08 -0.70 2.41
C ALA A 58 14.56 -2.13 2.69
N LYS A 59 13.65 -3.11 2.75
CA LYS A 59 13.91 -4.52 3.03
C LYS A 59 12.76 -5.36 2.45
N GLU A 60 12.87 -6.68 2.47
CA GLU A 60 11.87 -7.63 1.99
C GLU A 60 11.80 -8.81 2.96
N GLU A 61 11.00 -9.82 2.66
CA GLU A 61 10.85 -10.98 3.54
C GLU A 61 10.61 -12.26 2.75
N THR A 62 11.56 -12.66 1.91
CA THR A 62 11.42 -13.88 1.13
C THR A 62 11.37 -15.05 2.11
N GLN A 63 10.47 -15.98 1.84
CA GLN A 63 10.24 -17.19 2.63
C GLN A 63 11.46 -18.08 2.51
N MET A 1 -0.91 11.60 -12.95
CA MET A 1 -0.72 10.38 -12.14
C MET A 1 -0.53 10.73 -10.66
N LYS A 2 -1.39 10.21 -9.79
CA LYS A 2 -1.32 10.41 -8.34
C LYS A 2 -0.19 9.52 -7.89
N ASN A 3 0.94 10.12 -7.53
CA ASN A 3 2.14 9.43 -7.07
C ASN A 3 1.76 8.60 -5.86
N ALA A 4 2.40 7.45 -5.67
CA ALA A 4 2.16 6.51 -4.59
C ALA A 4 2.06 7.18 -3.23
N ALA A 5 2.94 8.15 -2.97
CA ALA A 5 2.95 8.88 -1.73
C ALA A 5 1.58 9.48 -1.39
N GLN A 6 0.89 10.03 -2.39
CA GLN A 6 -0.43 10.63 -2.23
C GLN A 6 -1.47 9.54 -1.97
N ILE A 7 -1.32 8.36 -2.58
CA ILE A 7 -2.24 7.25 -2.43
C ILE A 7 -2.16 6.73 -0.99
N VAL A 8 -0.93 6.50 -0.50
CA VAL A 8 -0.71 6.01 0.85
C VAL A 8 -1.18 7.03 1.88
N ASP A 9 -0.96 8.33 1.67
CA ASP A 9 -1.40 9.37 2.61
C ASP A 9 -2.92 9.30 2.79
N GLU A 10 -3.65 9.15 1.68
CA GLU A 10 -5.11 9.03 1.68
C GLU A 10 -5.53 7.78 2.45
N ALA A 11 -4.87 6.64 2.24
CA ALA A 11 -5.21 5.41 2.93
C ALA A 11 -4.95 5.53 4.43
N LEU A 12 -3.78 6.08 4.78
CA LEU A 12 -3.34 6.27 6.15
C LEU A 12 -4.38 7.07 6.94
N ASN A 13 -4.97 8.08 6.31
CA ASN A 13 -5.99 8.95 6.86
C ASN A 13 -7.15 8.10 7.40
N GLN A 14 -7.46 6.98 6.73
CA GLN A 14 -8.53 6.06 7.10
C GLN A 14 -8.06 4.95 8.05
N GLY A 15 -6.80 5.02 8.50
CA GLY A 15 -6.19 4.05 9.40
C GLY A 15 -5.68 2.79 8.70
N ILE A 16 -5.33 2.86 7.40
CA ILE A 16 -4.83 1.71 6.66
C ILE A 16 -3.50 2.11 6.02
N THR A 17 -2.47 1.32 6.29
CA THR A 17 -1.10 1.53 5.81
C THR A 17 -0.82 0.55 4.68
N LEU A 18 0.11 0.89 3.78
CA LEU A 18 0.51 0.09 2.63
C LEU A 18 1.96 -0.32 2.82
N PHE A 19 2.25 -1.61 2.66
CA PHE A 19 3.61 -2.14 2.80
C PHE A 19 3.92 -3.22 1.76
N VAL A 20 5.20 -3.58 1.62
CA VAL A 20 5.67 -4.59 0.69
C VAL A 20 6.37 -5.69 1.48
N ALA A 21 6.06 -6.92 1.09
CA ALA A 21 6.56 -8.19 1.56
C ALA A 21 6.32 -9.13 0.39
N ASP A 22 7.10 -10.20 0.22
CA ASP A 22 6.88 -11.15 -0.88
C ASP A 22 6.89 -10.50 -2.27
N ASN A 23 7.47 -9.30 -2.38
CA ASN A 23 7.56 -8.50 -3.59
C ASN A 23 6.19 -8.11 -4.16
N ARG A 24 5.13 -8.15 -3.34
CA ARG A 24 3.75 -7.82 -3.70
C ARG A 24 3.20 -6.73 -2.79
N LEU A 25 2.09 -6.11 -3.18
CA LEU A 25 1.44 -5.06 -2.42
C LEU A 25 0.64 -5.71 -1.30
N GLN A 26 0.79 -5.21 -0.08
CA GLN A 26 0.09 -5.66 1.11
C GLN A 26 -0.38 -4.40 1.84
N TYR A 27 -1.27 -4.57 2.79
CA TYR A 27 -1.84 -3.50 3.58
C TYR A 27 -1.99 -4.02 5.00
N GLU A 28 -1.96 -3.08 5.93
CA GLU A 28 -2.14 -3.36 7.33
C GLU A 28 -2.91 -2.20 7.93
N THR A 29 -4.04 -2.50 8.54
CA THR A 29 -4.93 -1.54 9.17
C THR A 29 -5.23 -2.01 10.59
N SER A 30 -6.08 -1.25 11.26
CA SER A 30 -6.59 -1.50 12.60
C SER A 30 -8.13 -1.46 12.51
N ARG A 31 -8.68 -1.40 11.29
CA ARG A 31 -10.09 -1.37 10.98
C ARG A 31 -10.70 -2.74 11.30
N ASP A 32 -12.00 -2.77 11.44
CA ASP A 32 -12.76 -3.99 11.73
C ASP A 32 -12.71 -4.91 10.50
N ASN A 33 -12.69 -4.29 9.32
CA ASN A 33 -12.62 -4.85 7.97
C ASN A 33 -12.34 -3.68 7.03
N ILE A 34 -11.76 -3.94 5.85
CA ILE A 34 -11.45 -2.92 4.86
C ILE A 34 -12.55 -2.94 3.77
N PRO A 35 -13.03 -1.79 3.31
CA PRO A 35 -14.05 -1.77 2.27
C PRO A 35 -13.38 -2.22 0.96
N GLU A 36 -14.15 -2.85 0.09
CA GLU A 36 -13.67 -3.33 -1.20
C GLU A 36 -13.22 -2.21 -2.13
N GLU A 37 -13.88 -1.06 -2.06
CA GLU A 37 -13.58 0.12 -2.86
C GLU A 37 -12.12 0.56 -2.61
N LEU A 38 -11.65 0.50 -1.35
CA LEU A 38 -10.29 0.85 -0.96
C LEU A 38 -9.35 -0.14 -1.61
N LEU A 39 -9.63 -1.43 -1.42
CA LEU A 39 -8.83 -2.50 -2.00
C LEU A 39 -8.73 -2.31 -3.50
N ASN A 40 -9.84 -2.09 -4.18
CA ASN A 40 -9.93 -1.90 -5.62
C ASN A 40 -9.05 -0.75 -6.08
N GLU A 41 -9.06 0.36 -5.35
CA GLU A 41 -8.28 1.55 -5.66
C GLU A 41 -6.81 1.23 -5.57
N TRP A 42 -6.41 0.66 -4.43
CA TRP A 42 -5.01 0.29 -4.20
C TRP A 42 -4.56 -0.78 -5.19
N LYS A 43 -5.43 -1.72 -5.56
CA LYS A 43 -5.16 -2.79 -6.52
C LYS A 43 -4.87 -2.21 -7.88
N TYR A 44 -5.51 -1.09 -8.23
CA TYR A 44 -5.27 -0.47 -9.52
C TYR A 44 -3.80 -0.05 -9.64
N TYR A 45 -3.31 0.77 -8.71
CA TYR A 45 -1.95 1.29 -8.67
C TYR A 45 -1.02 0.45 -7.80
N ARG A 46 -1.29 -0.85 -7.58
CA ARG A 46 -0.44 -1.69 -6.74
C ARG A 46 1.03 -1.55 -7.13
N GLN A 47 1.35 -1.56 -8.44
CA GLN A 47 2.71 -1.46 -8.92
C GLN A 47 3.29 -0.10 -8.61
N ASP A 48 2.51 0.98 -8.81
CA ASP A 48 3.02 2.32 -8.54
C ASP A 48 3.32 2.45 -7.05
N LEU A 49 2.41 1.90 -6.25
CA LEU A 49 2.50 1.89 -4.81
C LEU A 49 3.76 1.15 -4.41
N ILE A 50 3.85 -0.15 -4.74
CA ILE A 50 4.97 -1.02 -4.42
C ILE A 50 6.28 -0.30 -4.65
N ASP A 51 6.41 0.43 -5.76
CA ASP A 51 7.63 1.16 -6.10
C ASP A 51 8.15 1.95 -4.90
N PHE A 52 7.28 2.77 -4.33
CA PHE A 52 7.57 3.61 -3.18
C PHE A 52 7.68 2.76 -1.90
N LEU A 53 6.89 1.68 -1.80
CA LEU A 53 6.87 0.79 -0.63
C LEU A 53 8.21 0.12 -0.38
N GLN A 54 8.83 -0.36 -1.44
CA GLN A 54 10.12 -1.04 -1.36
C GLN A 54 11.11 -0.12 -0.64
N GLN A 55 11.10 1.16 -1.04
CA GLN A 55 11.97 2.20 -0.48
C GLN A 55 11.55 2.56 0.94
N LEU A 56 10.24 2.63 1.22
CA LEU A 56 9.68 2.97 2.53
C LEU A 56 10.22 2.05 3.63
N ASP A 57 10.46 0.78 3.31
CA ASP A 57 11.01 -0.20 4.26
C ASP A 57 12.53 -0.33 4.10
N ALA A 58 13.08 0.08 2.95
CA ALA A 58 14.50 0.05 2.60
C ALA A 58 15.14 -1.30 2.94
N LYS A 59 14.39 -2.37 2.71
CA LYS A 59 14.76 -3.76 2.95
C LYS A 59 13.98 -4.63 1.97
N GLU A 60 14.36 -5.90 1.86
CA GLU A 60 13.77 -6.91 1.00
C GLU A 60 13.73 -8.20 1.83
N GLU A 61 12.73 -9.05 1.65
CA GLU A 61 12.58 -10.30 2.39
C GLU A 61 12.04 -11.40 1.46
N THR A 62 12.94 -12.12 0.80
CA THR A 62 12.60 -13.23 -0.09
C THR A 62 12.08 -14.35 0.82
N GLN A 63 10.80 -14.65 0.74
CA GLN A 63 10.12 -15.65 1.57
C GLN A 63 9.20 -16.53 0.75
N MET A 1 -0.67 13.17 -11.71
CA MET A 1 -0.96 11.74 -11.50
C MET A 1 -0.91 11.44 -10.02
N LYS A 2 -1.69 10.49 -9.50
CA LYS A 2 -1.63 10.20 -8.07
C LYS A 2 -0.45 9.28 -7.79
N ASN A 3 0.70 9.86 -7.44
CA ASN A 3 1.93 9.14 -7.12
C ASN A 3 1.66 8.29 -5.87
N ALA A 4 2.43 7.22 -5.66
CA ALA A 4 2.37 6.27 -4.57
C ALA A 4 2.21 6.95 -3.22
N ALA A 5 3.04 7.98 -3.00
CA ALA A 5 3.06 8.76 -1.79
C ALA A 5 1.67 9.26 -1.38
N GLN A 6 0.92 9.81 -2.35
CA GLN A 6 -0.42 10.33 -2.14
C GLN A 6 -1.40 9.19 -1.85
N ILE A 7 -1.23 8.05 -2.51
CA ILE A 7 -2.10 6.89 -2.31
C ILE A 7 -1.96 6.45 -0.85
N VAL A 8 -0.73 6.31 -0.34
CA VAL A 8 -0.52 5.90 1.05
C VAL A 8 -1.06 6.96 2.02
N ASP A 9 -0.88 8.25 1.72
CA ASP A 9 -1.38 9.35 2.57
C ASP A 9 -2.90 9.27 2.69
N GLU A 10 -3.59 9.09 1.57
CA GLU A 10 -5.04 8.99 1.57
C GLU A 10 -5.50 7.74 2.32
N ALA A 11 -4.79 6.62 2.23
CA ALA A 11 -5.17 5.41 2.92
C ALA A 11 -4.96 5.57 4.42
N LEU A 12 -3.82 6.14 4.82
CA LEU A 12 -3.45 6.37 6.20
C LEU A 12 -4.53 7.16 6.92
N ASN A 13 -5.14 8.13 6.24
CA ASN A 13 -6.20 8.98 6.76
C ASN A 13 -7.34 8.12 7.32
N GLN A 14 -7.62 6.99 6.67
CA GLN A 14 -8.66 6.04 7.05
C GLN A 14 -8.16 4.96 8.01
N GLY A 15 -6.90 5.04 8.44
CA GLY A 15 -6.27 4.09 9.34
C GLY A 15 -5.79 2.82 8.65
N ILE A 16 -5.35 2.88 7.39
CA ILE A 16 -4.85 1.74 6.64
C ILE A 16 -3.56 2.15 5.97
N THR A 17 -2.48 1.40 6.22
CA THR A 17 -1.19 1.68 5.61
C THR A 17 -0.93 0.62 4.54
N LEU A 18 -0.04 0.94 3.60
CA LEU A 18 0.34 0.09 2.50
C LEU A 18 1.81 -0.28 2.73
N PHE A 19 2.13 -1.57 2.71
CA PHE A 19 3.49 -2.10 2.91
C PHE A 19 3.79 -3.14 1.82
N VAL A 20 5.05 -3.55 1.65
CA VAL A 20 5.48 -4.55 0.66
C VAL A 20 5.98 -5.79 1.38
N ALA A 21 5.69 -6.96 0.83
CA ALA A 21 6.12 -8.26 1.32
C ALA A 21 5.96 -9.19 0.14
N ASP A 22 6.77 -10.23 0.05
CA ASP A 22 6.70 -11.23 -1.02
C ASP A 22 6.71 -10.61 -2.42
N ASN A 23 7.44 -9.50 -2.56
CA ASN A 23 7.56 -8.76 -3.81
C ASN A 23 6.17 -8.38 -4.35
N ARG A 24 5.20 -8.13 -3.47
CA ARG A 24 3.83 -7.77 -3.79
C ARG A 24 3.34 -6.70 -2.82
N LEU A 25 2.19 -6.10 -3.11
CA LEU A 25 1.58 -5.06 -2.29
C LEU A 25 0.77 -5.71 -1.17
N GLN A 26 0.85 -5.18 0.05
CA GLN A 26 0.14 -5.60 1.24
C GLN A 26 -0.30 -4.33 1.99
N TYR A 27 -1.04 -4.50 3.06
CA TYR A 27 -1.57 -3.41 3.87
C TYR A 27 -1.62 -3.88 5.31
N GLU A 28 -1.77 -2.90 6.19
CA GLU A 28 -1.86 -3.09 7.62
C GLU A 28 -2.83 -2.05 8.16
N THR A 29 -4.03 -2.48 8.55
CA THR A 29 -5.07 -1.61 9.09
C THR A 29 -5.60 -2.13 10.42
N SER A 30 -6.17 -1.21 11.19
CA SER A 30 -6.80 -1.44 12.48
C SER A 30 -8.32 -1.37 12.32
N ARG A 31 -8.83 -1.24 11.09
CA ARG A 31 -10.27 -1.18 10.80
C ARG A 31 -10.89 -2.54 11.15
N ASP A 32 -12.22 -2.60 11.17
CA ASP A 32 -12.95 -3.83 11.48
C ASP A 32 -12.66 -4.89 10.40
N ASN A 33 -12.52 -4.43 9.17
CA ASN A 33 -12.22 -5.11 7.91
C ASN A 33 -11.99 -3.98 6.93
N ILE A 34 -11.29 -4.24 5.84
CA ILE A 34 -11.04 -3.22 4.83
C ILE A 34 -12.20 -3.28 3.83
N PRO A 35 -12.79 -2.14 3.45
CA PRO A 35 -13.85 -2.12 2.46
C PRO A 35 -13.24 -2.47 1.10
N GLU A 36 -14.08 -2.96 0.21
CA GLU A 36 -13.66 -3.34 -1.13
C GLU A 36 -13.30 -2.15 -1.99
N GLU A 37 -13.98 -1.01 -1.83
CA GLU A 37 -13.69 0.19 -2.62
C GLU A 37 -12.25 0.66 -2.41
N LEU A 38 -11.70 0.41 -1.21
CA LEU A 38 -10.35 0.81 -0.85
C LEU A 38 -9.40 -0.13 -1.58
N LEU A 39 -9.61 -1.43 -1.38
CA LEU A 39 -8.79 -2.44 -2.01
C LEU A 39 -8.79 -2.25 -3.52
N ASN A 40 -9.94 -1.98 -4.13
CA ASN A 40 -10.07 -1.77 -5.57
C ASN A 40 -9.23 -0.60 -6.05
N GLU A 41 -9.21 0.51 -5.30
CA GLU A 41 -8.46 1.70 -5.66
C GLU A 41 -6.97 1.41 -5.51
N TRP A 42 -6.59 0.78 -4.40
CA TRP A 42 -5.18 0.46 -4.17
C TRP A 42 -4.69 -0.56 -5.19
N LYS A 43 -5.48 -1.60 -5.51
CA LYS A 43 -5.14 -2.63 -6.48
C LYS A 43 -4.86 -1.98 -7.83
N TYR A 44 -5.59 -0.91 -8.17
CA TYR A 44 -5.39 -0.23 -9.43
C TYR A 44 -3.94 0.27 -9.57
N TYR A 45 -3.34 0.81 -8.49
CA TYR A 45 -1.98 1.33 -8.48
C TYR A 45 -1.01 0.51 -7.63
N ARG A 46 -1.23 -0.80 -7.45
CA ARG A 46 -0.31 -1.63 -6.65
C ARG A 46 1.11 -1.47 -7.20
N GLN A 47 1.26 -1.41 -8.52
CA GLN A 47 2.54 -1.29 -9.18
C GLN A 47 3.25 0.02 -8.81
N ASP A 48 2.50 1.12 -8.74
CA ASP A 48 3.08 2.41 -8.40
C ASP A 48 3.48 2.41 -6.94
N LEU A 49 2.57 1.91 -6.11
CA LEU A 49 2.71 1.80 -4.67
C LEU A 49 3.98 1.05 -4.36
N ILE A 50 4.06 -0.22 -4.75
CA ILE A 50 5.20 -1.11 -4.50
C ILE A 50 6.52 -0.42 -4.74
N ASP A 51 6.66 0.27 -5.87
CA ASP A 51 7.89 0.96 -6.21
C ASP A 51 8.42 1.80 -5.06
N PHE A 52 7.55 2.62 -4.47
CA PHE A 52 7.92 3.48 -3.35
C PHE A 52 7.90 2.72 -2.04
N LEU A 53 7.05 1.71 -1.91
CA LEU A 53 6.93 0.93 -0.67
C LEU A 53 8.22 0.23 -0.33
N GLN A 54 8.88 -0.33 -1.34
CA GLN A 54 10.15 -1.02 -1.15
C GLN A 54 11.15 -0.05 -0.50
N GLN A 55 11.16 1.20 -0.98
CA GLN A 55 12.03 2.29 -0.54
C GLN A 55 11.69 2.78 0.87
N LEU A 56 10.39 2.91 1.17
CA LEU A 56 9.85 3.37 2.45
C LEU A 56 10.35 2.43 3.55
N ASP A 57 10.16 1.13 3.33
CA ASP A 57 10.55 0.11 4.29
C ASP A 57 12.05 -0.16 4.24
N ALA A 58 12.68 0.09 3.09
CA ALA A 58 14.10 -0.06 2.76
C ALA A 58 14.72 -1.42 3.07
N LYS A 59 13.87 -2.41 3.37
CA LYS A 59 14.21 -3.76 3.70
C LYS A 59 14.93 -4.44 2.54
N GLU A 60 15.50 -5.58 2.84
CA GLU A 60 16.23 -6.44 1.91
C GLU A 60 15.71 -7.87 2.06
N GLU A 61 15.92 -8.69 1.03
CA GLU A 61 15.51 -10.09 0.96
C GLU A 61 16.51 -10.82 0.07
N THR A 62 16.29 -12.12 -0.10
CA THR A 62 17.07 -13.00 -0.93
C THR A 62 16.14 -13.42 -2.08
N GLN A 63 16.65 -14.21 -3.02
CA GLN A 63 15.89 -14.68 -4.17
C GLN A 63 14.68 -15.47 -3.70
N MET A 1 0.10 10.39 -12.28
CA MET A 1 -0.91 11.37 -11.84
C MET A 1 -0.95 11.45 -10.32
N LYS A 2 -1.11 10.32 -9.64
CA LYS A 2 -1.15 10.27 -8.19
C LYS A 2 -0.03 9.36 -7.77
N ASN A 3 1.07 9.97 -7.36
CA ASN A 3 2.26 9.28 -6.89
C ASN A 3 1.87 8.49 -5.66
N ALA A 4 2.61 7.41 -5.43
CA ALA A 4 2.44 6.44 -4.35
C ALA A 4 2.21 7.14 -3.04
N ALA A 5 3.04 8.14 -2.74
CA ALA A 5 2.94 8.90 -1.50
C ALA A 5 1.53 9.44 -1.29
N GLN A 6 0.93 10.05 -2.31
CA GLN A 6 -0.42 10.61 -2.20
C GLN A 6 -1.45 9.52 -1.96
N ILE A 7 -1.25 8.35 -2.57
CA ILE A 7 -2.16 7.21 -2.44
C ILE A 7 -2.06 6.66 -1.00
N VAL A 8 -0.85 6.54 -0.46
CA VAL A 8 -0.65 6.07 0.91
C VAL A 8 -1.20 7.10 1.88
N ASP A 9 -1.02 8.39 1.61
CA ASP A 9 -1.49 9.51 2.44
C ASP A 9 -3.01 9.44 2.60
N GLU A 10 -3.71 9.12 1.51
CA GLU A 10 -5.15 8.97 1.47
C GLU A 10 -5.57 7.78 2.33
N ALA A 11 -4.86 6.64 2.23
CA ALA A 11 -5.19 5.45 3.01
C ALA A 11 -4.93 5.69 4.50
N LEU A 12 -3.86 6.44 4.81
CA LEU A 12 -3.48 6.79 6.17
C LEU A 12 -4.65 7.51 6.84
N ASN A 13 -5.38 8.32 6.07
CA ASN A 13 -6.54 9.06 6.56
C ASN A 13 -7.62 8.10 7.06
N GLN A 14 -7.69 6.90 6.50
CA GLN A 14 -8.63 5.85 6.81
C GLN A 14 -8.04 4.84 7.82
N GLY A 15 -6.86 5.15 8.39
CA GLY A 15 -6.21 4.30 9.36
C GLY A 15 -5.61 3.03 8.75
N ILE A 16 -5.25 3.04 7.47
CA ILE A 16 -4.69 1.88 6.79
C ILE A 16 -3.32 2.29 6.22
N THR A 17 -2.33 1.41 6.38
CA THR A 17 -0.95 1.59 5.94
C THR A 17 -0.66 0.60 4.82
N LEU A 18 0.20 0.99 3.89
CA LEU A 18 0.57 0.17 2.73
C LEU A 18 2.02 -0.28 2.87
N PHE A 19 2.30 -1.58 2.68
CA PHE A 19 3.66 -2.14 2.75
C PHE A 19 3.88 -3.17 1.63
N VAL A 20 5.12 -3.66 1.48
CA VAL A 20 5.53 -4.63 0.49
C VAL A 20 6.14 -5.82 1.22
N ALA A 21 5.87 -7.01 0.71
CA ALA A 21 6.33 -8.31 1.17
C ALA A 21 6.07 -9.26 0.01
N ASP A 22 6.85 -10.31 -0.13
CA ASP A 22 6.71 -11.32 -1.19
C ASP A 22 6.61 -10.69 -2.57
N ASN A 23 7.29 -9.55 -2.77
CA ASN A 23 7.29 -8.80 -4.03
C ASN A 23 5.89 -8.35 -4.46
N ARG A 24 4.93 -8.31 -3.53
CA ARG A 24 3.54 -7.94 -3.78
C ARG A 24 3.13 -6.78 -2.89
N LEU A 25 1.99 -6.15 -3.20
CA LEU A 25 1.43 -5.02 -2.47
C LEU A 25 0.64 -5.59 -1.28
N GLN A 26 0.80 -5.02 -0.09
CA GLN A 26 0.10 -5.40 1.12
C GLN A 26 -0.42 -4.13 1.78
N TYR A 27 -1.31 -4.32 2.74
CA TYR A 27 -1.97 -3.27 3.49
C TYR A 27 -2.24 -3.80 4.88
N GLU A 28 -2.16 -2.92 5.87
CA GLU A 28 -2.41 -3.25 7.26
C GLU A 28 -3.20 -2.12 7.91
N THR A 29 -4.23 -2.48 8.66
CA THR A 29 -5.08 -1.54 9.37
C THR A 29 -5.52 -2.12 10.73
N SER A 30 -6.24 -1.28 11.47
CA SER A 30 -6.81 -1.53 12.77
C SER A 30 -8.35 -1.51 12.65
N ARG A 31 -8.90 -1.30 11.45
CA ARG A 31 -10.33 -1.27 11.20
C ARG A 31 -10.88 -2.68 11.39
N ASP A 32 -12.19 -2.81 11.58
CA ASP A 32 -12.86 -4.10 11.76
C ASP A 32 -12.70 -4.95 10.49
N ASN A 33 -12.71 -4.31 9.33
CA ASN A 33 -12.54 -4.88 8.00
C ASN A 33 -12.19 -3.72 7.06
N ILE A 34 -11.71 -4.02 5.85
CA ILE A 34 -11.35 -3.01 4.86
C ILE A 34 -12.41 -3.10 3.75
N PRO A 35 -12.98 -1.97 3.32
CA PRO A 35 -13.98 -1.98 2.26
C PRO A 35 -13.33 -2.41 0.94
N GLU A 36 -14.15 -2.91 0.03
CA GLU A 36 -13.67 -3.37 -1.27
C GLU A 36 -13.20 -2.23 -2.14
N GLU A 37 -13.78 -1.04 -2.02
CA GLU A 37 -13.38 0.12 -2.80
C GLU A 37 -11.91 0.42 -2.49
N LEU A 38 -11.51 0.35 -1.21
CA LEU A 38 -10.15 0.60 -0.76
C LEU A 38 -9.25 -0.45 -1.39
N LEU A 39 -9.65 -1.72 -1.28
CA LEU A 39 -8.91 -2.83 -1.85
C LEU A 39 -8.67 -2.59 -3.33
N ASN A 40 -9.75 -2.33 -4.07
CA ASN A 40 -9.76 -2.09 -5.50
C ASN A 40 -8.90 -0.89 -5.90
N GLU A 41 -8.89 0.18 -5.13
CA GLU A 41 -8.10 1.38 -5.42
C GLU A 41 -6.61 1.06 -5.27
N TRP A 42 -6.25 0.50 -4.12
CA TRP A 42 -4.88 0.16 -3.78
C TRP A 42 -4.33 -0.89 -4.75
N LYS A 43 -5.14 -1.89 -5.11
CA LYS A 43 -4.76 -2.94 -6.04
C LYS A 43 -4.58 -2.36 -7.44
N TYR A 44 -5.33 -1.32 -7.82
CA TYR A 44 -5.21 -0.71 -9.14
C TYR A 44 -3.84 -0.08 -9.32
N TYR A 45 -3.39 0.78 -8.38
CA TYR A 45 -2.10 1.45 -8.44
C TYR A 45 -1.02 0.65 -7.74
N ARG A 46 -1.21 -0.66 -7.48
CA ARG A 46 -0.21 -1.47 -6.80
C ARG A 46 1.20 -1.30 -7.33
N GLN A 47 1.37 -1.27 -8.66
CA GLN A 47 2.69 -1.13 -9.25
C GLN A 47 3.29 0.23 -8.94
N ASP A 48 2.46 1.28 -8.86
CA ASP A 48 2.96 2.61 -8.56
C ASP A 48 3.40 2.66 -7.11
N LEU A 49 2.57 2.07 -6.25
CA LEU A 49 2.81 1.97 -4.83
C LEU A 49 4.06 1.18 -4.53
N ILE A 50 4.08 -0.13 -4.86
CA ILE A 50 5.19 -1.04 -4.60
C ILE A 50 6.54 -0.38 -4.85
N ASP A 51 6.70 0.22 -6.01
CA ASP A 51 7.93 0.89 -6.44
C ASP A 51 8.49 1.82 -5.36
N PHE A 52 7.60 2.56 -4.71
CA PHE A 52 7.93 3.48 -3.64
C PHE A 52 7.92 2.78 -2.27
N LEU A 53 7.04 1.79 -2.07
CA LEU A 53 6.89 1.04 -0.81
C LEU A 53 8.17 0.33 -0.45
N GLN A 54 8.84 -0.25 -1.44
CA GLN A 54 10.09 -0.95 -1.21
C GLN A 54 11.10 0.00 -0.53
N GLN A 55 11.09 1.28 -0.94
CA GLN A 55 11.97 2.30 -0.40
C GLN A 55 11.53 2.76 1.00
N LEU A 56 10.25 2.62 1.34
CA LEU A 56 9.72 3.01 2.64
C LEU A 56 10.18 2.00 3.68
N ASP A 57 10.08 0.71 3.37
CA ASP A 57 10.50 -0.37 4.26
C ASP A 57 12.02 -0.54 4.20
N ALA A 58 12.63 -0.20 3.05
CA ALA A 58 14.05 -0.26 2.72
C ALA A 58 14.68 -1.53 3.26
N LYS A 59 14.03 -2.67 3.01
CA LYS A 59 14.46 -3.97 3.46
C LYS A 59 13.96 -4.98 2.45
N GLU A 60 14.69 -6.09 2.29
CA GLU A 60 14.34 -7.14 1.36
C GLU A 60 14.31 -8.48 2.08
N GLU A 61 13.66 -9.45 1.45
CA GLU A 61 13.47 -10.81 1.94
C GLU A 61 13.33 -11.85 0.80
N THR A 62 13.44 -11.43 -0.46
CA THR A 62 13.32 -12.29 -1.65
C THR A 62 14.68 -12.49 -2.34
N GLN A 63 14.71 -13.30 -3.41
CA GLN A 63 15.93 -13.58 -4.15
C GLN A 63 16.36 -12.37 -4.98
N MET A 1 -2.52 11.41 -12.66
CA MET A 1 -1.48 10.64 -11.97
C MET A 1 -1.46 11.04 -10.52
N LYS A 2 -1.16 10.08 -9.64
CA LYS A 2 -1.10 10.23 -8.21
C LYS A 2 0.01 9.33 -7.74
N ASN A 3 1.13 9.94 -7.38
CA ASN A 3 2.31 9.26 -6.88
C ASN A 3 1.94 8.51 -5.61
N ALA A 4 2.68 7.44 -5.35
CA ALA A 4 2.53 6.52 -4.23
C ALA A 4 2.33 7.26 -2.92
N ALA A 5 3.13 8.30 -2.69
CA ALA A 5 3.07 9.11 -1.50
C ALA A 5 1.66 9.63 -1.22
N GLN A 6 0.97 10.11 -2.26
CA GLN A 6 -0.39 10.62 -2.16
C GLN A 6 -1.37 9.48 -1.93
N ILE A 7 -1.12 8.30 -2.51
CA ILE A 7 -1.99 7.12 -2.38
C ILE A 7 -1.96 6.64 -0.93
N VAL A 8 -0.75 6.41 -0.38
CA VAL A 8 -0.62 5.93 0.99
C VAL A 8 -1.21 6.95 1.94
N ASP A 9 -1.06 8.26 1.67
CA ASP A 9 -1.62 9.33 2.50
C ASP A 9 -3.13 9.19 2.60
N GLU A 10 -3.81 9.00 1.46
CA GLU A 10 -5.25 8.85 1.43
C GLU A 10 -5.72 7.62 2.19
N ALA A 11 -4.94 6.54 2.18
CA ALA A 11 -5.28 5.33 2.90
C ALA A 11 -5.04 5.53 4.39
N LEU A 12 -3.89 6.11 4.75
CA LEU A 12 -3.48 6.38 6.12
C LEU A 12 -4.52 7.21 6.85
N ASN A 13 -5.14 8.17 6.14
CA ASN A 13 -6.19 9.03 6.67
C ASN A 13 -7.32 8.18 7.26
N GLN A 14 -7.60 7.02 6.66
CA GLN A 14 -8.63 6.07 7.06
C GLN A 14 -8.12 5.03 8.07
N GLY A 15 -6.86 5.11 8.47
CA GLY A 15 -6.23 4.20 9.40
C GLY A 15 -5.73 2.92 8.73
N ILE A 16 -5.31 2.96 7.47
CA ILE A 16 -4.80 1.80 6.74
C ILE A 16 -3.49 2.22 6.09
N THR A 17 -2.46 1.41 6.27
CA THR A 17 -1.10 1.64 5.76
C THR A 17 -0.81 0.60 4.69
N LEU A 18 0.05 0.96 3.74
CA LEU A 18 0.45 0.12 2.63
C LEU A 18 1.92 -0.25 2.80
N PHE A 19 2.24 -1.55 2.73
CA PHE A 19 3.60 -2.11 2.83
C PHE A 19 3.82 -3.15 1.72
N VAL A 20 5.07 -3.56 1.51
CA VAL A 20 5.47 -4.56 0.53
C VAL A 20 6.11 -5.74 1.26
N ALA A 21 5.79 -6.94 0.79
CA ALA A 21 6.29 -8.21 1.29
C ALA A 21 6.05 -9.16 0.13
N ASP A 22 6.87 -10.19 -0.04
CA ASP A 22 6.69 -11.17 -1.12
C ASP A 22 6.64 -10.52 -2.51
N ASN A 23 7.29 -9.36 -2.68
CA ASN A 23 7.34 -8.57 -3.91
C ASN A 23 5.95 -8.11 -4.39
N ARG A 24 4.95 -8.14 -3.51
CA ARG A 24 3.57 -7.76 -3.81
C ARG A 24 3.10 -6.68 -2.84
N LEU A 25 2.00 -6.01 -3.18
CA LEU A 25 1.38 -4.96 -2.40
C LEU A 25 0.60 -5.62 -1.27
N GLN A 26 0.73 -5.12 -0.06
CA GLN A 26 0.02 -5.57 1.13
C GLN A 26 -0.51 -4.33 1.82
N TYR A 27 -1.34 -4.54 2.83
CA TYR A 27 -1.96 -3.50 3.61
C TYR A 27 -2.08 -4.01 5.04
N GLU A 28 -2.12 -3.06 5.94
CA GLU A 28 -2.25 -3.27 7.36
C GLU A 28 -3.13 -2.15 7.89
N THR A 29 -4.16 -2.50 8.65
CA THR A 29 -5.08 -1.56 9.24
C THR A 29 -5.58 -2.10 10.57
N SER A 30 -6.13 -1.18 11.37
CA SER A 30 -6.73 -1.46 12.66
C SER A 30 -8.26 -1.32 12.52
N ARG A 31 -8.77 -1.16 11.28
CA ARG A 31 -10.20 -1.06 10.99
C ARG A 31 -10.80 -2.43 11.30
N ASP A 32 -12.13 -2.49 11.39
CA ASP A 32 -12.83 -3.74 11.67
C ASP A 32 -12.57 -4.75 10.54
N ASN A 33 -12.61 -4.25 9.31
CA ASN A 33 -12.40 -4.90 8.03
C ASN A 33 -12.11 -3.77 7.04
N ILE A 34 -11.56 -4.09 5.88
CA ILE A 34 -11.27 -3.08 4.86
C ILE A 34 -12.39 -3.14 3.80
N PRO A 35 -12.92 -2.00 3.35
CA PRO A 35 -13.94 -2.00 2.31
C PRO A 35 -13.33 -2.47 0.98
N GLU A 36 -14.16 -2.95 0.05
CA GLU A 36 -13.67 -3.41 -1.24
C GLU A 36 -13.12 -2.31 -2.10
N GLU A 37 -13.73 -1.13 -2.07
CA GLU A 37 -13.32 0.04 -2.83
C GLU A 37 -11.87 0.38 -2.50
N LEU A 38 -11.48 0.31 -1.23
CA LEU A 38 -10.12 0.60 -0.78
C LEU A 38 -9.19 -0.43 -1.40
N LEU A 39 -9.59 -1.71 -1.34
CA LEU A 39 -8.79 -2.76 -1.92
C LEU A 39 -8.63 -2.51 -3.40
N ASN A 40 -9.72 -2.27 -4.11
CA ASN A 40 -9.80 -2.02 -5.54
C ASN A 40 -8.93 -0.84 -5.94
N GLU A 41 -8.93 0.23 -5.16
CA GLU A 41 -8.14 1.42 -5.41
C GLU A 41 -6.65 1.08 -5.33
N TRP A 42 -6.22 0.47 -4.23
CA TRP A 42 -4.83 0.09 -4.03
C TRP A 42 -4.42 -1.01 -5.02
N LYS A 43 -5.33 -1.92 -5.40
CA LYS A 43 -5.10 -2.98 -6.38
C LYS A 43 -4.81 -2.34 -7.72
N TYR A 44 -5.41 -1.19 -8.02
CA TYR A 44 -5.18 -0.51 -9.28
C TYR A 44 -3.73 -0.05 -9.36
N TYR A 45 -3.34 0.94 -8.56
CA TYR A 45 -2.00 1.51 -8.49
C TYR A 45 -1.02 0.66 -7.67
N ARG A 46 -1.24 -0.66 -7.52
CA ARG A 46 -0.34 -1.50 -6.74
C ARG A 46 1.11 -1.39 -7.19
N GLN A 47 1.38 -1.38 -8.50
CA GLN A 47 2.74 -1.29 -9.02
C GLN A 47 3.31 0.09 -8.70
N ASP A 48 2.47 1.13 -8.69
CA ASP A 48 2.94 2.48 -8.39
C ASP A 48 3.32 2.58 -6.93
N LEU A 49 2.45 2.01 -6.07
CA LEU A 49 2.60 1.94 -4.63
C LEU A 49 3.91 1.21 -4.38
N ILE A 50 3.96 -0.07 -4.79
CA ILE A 50 5.10 -0.97 -4.61
C ILE A 50 6.42 -0.27 -4.88
N ASP A 51 6.55 0.45 -6.01
CA ASP A 51 7.77 1.13 -6.39
C ASP A 51 8.38 1.99 -5.29
N PHE A 52 7.51 2.66 -4.53
CA PHE A 52 7.93 3.50 -3.42
C PHE A 52 7.91 2.70 -2.13
N LEU A 53 7.02 1.71 -1.99
CA LEU A 53 6.89 0.90 -0.77
C LEU A 53 8.16 0.14 -0.47
N GLN A 54 8.79 -0.42 -1.51
CA GLN A 54 10.01 -1.18 -1.37
C GLN A 54 11.08 -0.36 -0.64
N GLN A 55 11.15 0.92 -1.00
CA GLN A 55 12.07 1.94 -0.52
C GLN A 55 11.61 2.48 0.84
N LEU A 56 10.31 2.71 1.04
CA LEU A 56 9.73 3.22 2.29
C LEU A 56 10.07 2.29 3.45
N ASP A 57 10.16 0.98 3.22
CA ASP A 57 10.50 0.04 4.29
C ASP A 57 12.00 -0.25 4.33
N ALA A 58 12.69 -0.02 3.20
CA ALA A 58 14.13 -0.20 2.99
C ALA A 58 14.66 -1.59 3.38
N LYS A 59 13.83 -2.63 3.26
CA LYS A 59 14.18 -4.00 3.56
C LYS A 59 13.54 -4.90 2.50
N GLU A 60 14.18 -6.02 2.21
CA GLU A 60 13.79 -7.03 1.26
C GLU A 60 14.43 -8.36 1.72
N GLU A 61 14.22 -9.45 0.99
CA GLU A 61 14.78 -10.77 1.28
C GLU A 61 14.67 -11.64 0.03
N THR A 62 15.20 -12.86 0.08
CA THR A 62 15.15 -13.85 -0.99
C THR A 62 13.98 -14.80 -0.69
N GLN A 63 13.68 -15.72 -1.61
CA GLN A 63 12.61 -16.69 -1.45
C GLN A 63 13.21 -18.08 -1.53
N MET A 1 -0.33 12.83 -12.34
CA MET A 1 0.06 11.52 -11.78
C MET A 1 -0.05 11.58 -10.27
N LYS A 2 -0.75 10.64 -9.63
CA LYS A 2 -0.84 10.62 -8.17
C LYS A 2 0.24 9.65 -7.74
N ASN A 3 1.35 10.21 -7.28
CA ASN A 3 2.50 9.47 -6.80
C ASN A 3 2.06 8.61 -5.63
N ALA A 4 2.80 7.53 -5.41
CA ALA A 4 2.59 6.53 -4.38
C ALA A 4 2.37 7.16 -3.02
N ALA A 5 3.19 8.16 -2.68
CA ALA A 5 3.09 8.84 -1.41
C ALA A 5 1.67 9.35 -1.17
N GLN A 6 1.06 10.00 -2.17
CA GLN A 6 -0.28 10.53 -2.07
C GLN A 6 -1.31 9.41 -1.90
N ILE A 7 -1.08 8.27 -2.55
CA ILE A 7 -1.98 7.13 -2.47
C ILE A 7 -1.92 6.56 -1.05
N VAL A 8 -0.73 6.42 -0.47
CA VAL A 8 -0.60 5.91 0.89
C VAL A 8 -1.24 6.92 1.87
N ASP A 9 -1.04 8.22 1.62
CA ASP A 9 -1.58 9.31 2.44
C ASP A 9 -3.12 9.23 2.52
N GLU A 10 -3.76 8.93 1.39
CA GLU A 10 -5.21 8.77 1.28
C GLU A 10 -5.67 7.62 2.19
N ALA A 11 -4.90 6.52 2.22
CA ALA A 11 -5.21 5.37 3.04
C ALA A 11 -4.98 5.68 4.52
N LEU A 12 -3.92 6.43 4.81
CA LEU A 12 -3.55 6.85 6.17
C LEU A 12 -4.74 7.61 6.77
N ASN A 13 -5.46 8.37 5.95
CA ASN A 13 -6.63 9.15 6.35
C ASN A 13 -7.75 8.26 6.91
N GLN A 14 -7.74 6.97 6.54
CA GLN A 14 -8.71 5.96 6.97
C GLN A 14 -8.06 4.95 7.94
N GLY A 15 -6.85 5.27 8.41
CA GLY A 15 -6.10 4.44 9.34
C GLY A 15 -5.55 3.15 8.75
N ILE A 16 -5.26 3.11 7.45
CA ILE A 16 -4.71 1.94 6.78
C ILE A 16 -3.34 2.32 6.21
N THR A 17 -2.35 1.45 6.34
CA THR A 17 -0.99 1.62 5.88
C THR A 17 -0.72 0.61 4.76
N LEU A 18 0.19 0.94 3.84
CA LEU A 18 0.55 0.11 2.69
C LEU A 18 1.99 -0.32 2.86
N PHE A 19 2.27 -1.62 2.67
CA PHE A 19 3.62 -2.21 2.80
C PHE A 19 3.92 -3.23 1.68
N VAL A 20 5.17 -3.72 1.59
CA VAL A 20 5.61 -4.70 0.60
C VAL A 20 6.33 -5.89 1.25
N ALA A 21 6.00 -7.08 0.76
CA ALA A 21 6.55 -8.38 1.13
C ALA A 21 6.21 -9.30 -0.02
N ASP A 22 7.00 -10.33 -0.26
CA ASP A 22 6.78 -11.31 -1.32
C ASP A 22 6.60 -10.64 -2.70
N ASN A 23 7.23 -9.47 -2.92
CA ASN A 23 7.15 -8.68 -4.15
C ASN A 23 5.69 -8.24 -4.43
N ARG A 24 4.79 -8.28 -3.44
CA ARG A 24 3.37 -7.93 -3.61
C ARG A 24 2.96 -6.75 -2.75
N LEU A 25 1.86 -6.10 -3.12
CA LEU A 25 1.29 -4.95 -2.41
C LEU A 25 0.49 -5.51 -1.24
N GLN A 26 0.76 -5.04 -0.02
CA GLN A 26 0.06 -5.44 1.19
C GLN A 26 -0.44 -4.19 1.91
N TYR A 27 -1.28 -4.42 2.91
CA TYR A 27 -1.90 -3.39 3.71
C TYR A 27 -2.07 -3.89 5.15
N GLU A 28 -1.97 -2.95 6.10
CA GLU A 28 -2.12 -3.18 7.53
C GLU A 28 -3.01 -2.05 8.08
N THR A 29 -4.13 -2.38 8.73
CA THR A 29 -5.06 -1.43 9.34
C THR A 29 -5.57 -1.95 10.68
N SER A 30 -6.36 -1.12 11.35
CA SER A 30 -6.99 -1.34 12.65
C SER A 30 -8.52 -1.41 12.51
N ARG A 31 -9.04 -1.23 11.30
CA ARG A 31 -10.48 -1.26 11.02
C ARG A 31 -11.02 -2.66 11.29
N ASP A 32 -12.34 -2.76 11.47
CA ASP A 32 -13.02 -4.03 11.72
C ASP A 32 -12.77 -4.95 10.52
N ASN A 33 -12.73 -4.37 9.32
CA ASN A 33 -12.49 -5.01 8.04
C ASN A 33 -12.17 -3.89 7.04
N ILE A 34 -11.57 -4.23 5.91
CA ILE A 34 -11.23 -3.28 4.87
C ILE A 34 -12.32 -3.34 3.80
N PRO A 35 -12.84 -2.18 3.36
CA PRO A 35 -13.86 -2.15 2.33
C PRO A 35 -13.25 -2.56 0.99
N GLU A 36 -14.07 -3.07 0.09
CA GLU A 36 -13.59 -3.49 -1.22
C GLU A 36 -13.14 -2.34 -2.09
N GLU A 37 -13.70 -1.14 -1.88
CA GLU A 37 -13.34 0.02 -2.68
C GLU A 37 -11.87 0.37 -2.42
N LEU A 38 -11.43 0.27 -1.16
CA LEU A 38 -10.06 0.55 -0.76
C LEU A 38 -9.17 -0.46 -1.43
N LEU A 39 -9.56 -1.74 -1.36
CA LEU A 39 -8.80 -2.80 -1.98
C LEU A 39 -8.70 -2.51 -3.47
N ASN A 40 -9.82 -2.23 -4.14
CA ASN A 40 -9.93 -1.93 -5.56
C ASN A 40 -9.05 -0.75 -5.97
N GLU A 41 -8.95 0.26 -5.12
CA GLU A 41 -8.15 1.44 -5.34
C GLU A 41 -6.68 1.04 -5.27
N TRP A 42 -6.22 0.47 -4.16
CA TRP A 42 -4.82 0.06 -3.99
C TRP A 42 -4.40 -0.99 -5.03
N LYS A 43 -5.33 -1.84 -5.49
CA LYS A 43 -5.08 -2.84 -6.51
C LYS A 43 -4.81 -2.15 -7.84
N TYR A 44 -5.42 -0.99 -8.08
CA TYR A 44 -5.24 -0.25 -9.32
C TYR A 44 -3.78 0.20 -9.46
N TYR A 45 -3.27 1.00 -8.52
CA TYR A 45 -1.91 1.51 -8.51
C TYR A 45 -0.99 0.62 -7.67
N ARG A 46 -1.26 -0.70 -7.55
CA ARG A 46 -0.43 -1.57 -6.73
C ARG A 46 1.05 -1.41 -7.09
N GLN A 47 1.37 -1.35 -8.38
CA GLN A 47 2.74 -1.21 -8.84
C GLN A 47 3.28 0.17 -8.48
N ASP A 48 2.49 1.24 -8.70
CA ASP A 48 2.95 2.60 -8.41
C ASP A 48 3.32 2.68 -6.94
N LEU A 49 2.46 2.09 -6.11
CA LEU A 49 2.59 1.99 -4.67
C LEU A 49 3.86 1.23 -4.38
N ILE A 50 3.87 -0.09 -4.65
CA ILE A 50 4.98 -1.01 -4.41
C ILE A 50 6.32 -0.37 -4.68
N ASP A 51 6.48 0.21 -5.86
CA ASP A 51 7.69 0.87 -6.31
C ASP A 51 8.31 1.78 -5.26
N PHE A 52 7.47 2.55 -4.57
CA PHE A 52 7.87 3.45 -3.51
C PHE A 52 7.88 2.72 -2.17
N LEU A 53 6.98 1.75 -1.98
CA LEU A 53 6.86 0.96 -0.73
C LEU A 53 8.15 0.23 -0.43
N GLN A 54 8.79 -0.32 -1.47
CA GLN A 54 10.04 -1.05 -1.34
C GLN A 54 11.09 -0.11 -0.73
N GLN A 55 11.09 1.16 -1.15
CA GLN A 55 12.01 2.18 -0.67
C GLN A 55 11.66 2.63 0.73
N LEU A 56 10.37 2.75 1.05
CA LEU A 56 9.89 3.19 2.36
C LEU A 56 10.45 2.27 3.44
N ASP A 57 10.28 0.97 3.25
CA ASP A 57 10.77 -0.02 4.19
C ASP A 57 12.26 -0.30 3.99
N ALA A 58 12.77 -0.02 2.78
CA ALA A 58 14.14 -0.17 2.35
C ALA A 58 14.69 -1.60 2.49
N LYS A 59 13.84 -2.63 2.47
CA LYS A 59 14.24 -4.03 2.59
C LYS A 59 13.11 -4.95 2.14
N GLU A 60 13.35 -6.26 2.23
CA GLU A 60 12.47 -7.38 1.93
C GLU A 60 13.18 -8.60 2.54
N GLU A 61 12.43 -9.52 3.14
CA GLU A 61 12.95 -10.73 3.78
C GLU A 61 11.86 -11.82 3.79
N THR A 62 12.15 -13.02 4.28
CA THR A 62 11.24 -14.16 4.35
C THR A 62 9.91 -13.78 5.02
N GLN A 63 8.81 -13.74 4.25
CA GLN A 63 7.49 -13.40 4.78
C GLN A 63 6.85 -14.66 5.34
N MET A 1 -2.20 12.04 -12.51
CA MET A 1 -1.32 11.10 -11.81
C MET A 1 -1.36 11.36 -10.31
N LYS A 2 -1.08 10.32 -9.53
CA LYS A 2 -1.03 10.37 -8.08
C LYS A 2 0.02 9.36 -7.70
N ASN A 3 1.19 9.86 -7.38
CA ASN A 3 2.33 9.08 -6.95
C ASN A 3 1.95 8.34 -5.69
N ALA A 4 2.68 7.27 -5.43
CA ALA A 4 2.52 6.36 -4.29
C ALA A 4 2.38 7.12 -2.99
N ALA A 5 3.28 8.08 -2.78
CA ALA A 5 3.34 8.90 -1.59
C ALA A 5 1.99 9.56 -1.28
N GLN A 6 1.27 10.03 -2.30
CA GLN A 6 -0.03 10.65 -2.12
C GLN A 6 -1.09 9.57 -1.85
N ILE A 7 -0.97 8.39 -2.45
CA ILE A 7 -1.93 7.29 -2.27
C ILE A 7 -1.88 6.82 -0.81
N VAL A 8 -0.68 6.56 -0.27
CA VAL A 8 -0.53 6.10 1.10
C VAL A 8 -1.06 7.14 2.08
N ASP A 9 -0.86 8.43 1.78
CA ASP A 9 -1.35 9.52 2.63
C ASP A 9 -2.87 9.47 2.73
N GLU A 10 -3.53 9.39 1.57
CA GLU A 10 -4.97 9.32 1.48
C GLU A 10 -5.52 8.11 2.24
N ALA A 11 -4.86 6.95 2.14
CA ALA A 11 -5.28 5.73 2.81
C ALA A 11 -5.05 5.83 4.31
N LEU A 12 -3.92 6.39 4.72
CA LEU A 12 -3.54 6.56 6.12
C LEU A 12 -4.65 7.30 6.86
N ASN A 13 -5.23 8.30 6.20
CA ASN A 13 -6.31 9.12 6.71
C ASN A 13 -7.50 8.24 7.12
N GLN A 14 -7.74 7.15 6.37
CA GLN A 14 -8.80 6.19 6.61
C GLN A 14 -8.37 5.09 7.59
N GLY A 15 -7.20 5.21 8.21
CA GLY A 15 -6.68 4.24 9.17
C GLY A 15 -6.03 3.03 8.53
N ILE A 16 -5.53 3.12 7.29
CA ILE A 16 -4.91 2.00 6.59
C ILE A 16 -3.61 2.44 5.92
N THR A 17 -2.53 1.70 6.14
CA THR A 17 -1.19 1.94 5.60
C THR A 17 -0.94 0.92 4.49
N LEU A 18 0.02 1.19 3.60
CA LEU A 18 0.39 0.33 2.49
C LEU A 18 1.84 -0.05 2.67
N PHE A 19 2.15 -1.35 2.62
CA PHE A 19 3.50 -1.90 2.76
C PHE A 19 3.71 -3.03 1.73
N VAL A 20 4.94 -3.55 1.62
CA VAL A 20 5.32 -4.61 0.71
C VAL A 20 5.87 -5.79 1.52
N ALA A 21 5.70 -6.98 0.96
CA ALA A 21 6.10 -8.31 1.41
C ALA A 21 5.87 -9.20 0.21
N ASP A 22 6.63 -10.29 0.07
CA ASP A 22 6.52 -11.28 -1.01
C ASP A 22 6.49 -10.65 -2.40
N ASN A 23 7.16 -9.51 -2.58
CA ASN A 23 7.20 -8.77 -3.82
C ASN A 23 5.79 -8.39 -4.34
N ARG A 24 4.81 -8.27 -3.43
CA ARG A 24 3.42 -7.94 -3.73
C ARG A 24 2.95 -6.76 -2.87
N LEU A 25 1.82 -6.16 -3.22
CA LEU A 25 1.23 -5.03 -2.50
C LEU A 25 0.46 -5.56 -1.30
N GLN A 26 0.69 -5.00 -0.11
CA GLN A 26 0.01 -5.33 1.13
C GLN A 26 -0.44 -4.03 1.77
N TYR A 27 -1.17 -4.17 2.86
CA TYR A 27 -1.72 -3.09 3.65
C TYR A 27 -1.70 -3.52 5.10
N GLU A 28 -1.82 -2.53 5.97
CA GLU A 28 -1.81 -2.71 7.39
C GLU A 28 -2.78 -1.69 7.98
N THR A 29 -3.86 -2.19 8.55
CA THR A 29 -4.92 -1.44 9.19
C THR A 29 -5.29 -2.15 10.50
N SER A 30 -6.14 -1.52 11.30
CA SER A 30 -6.60 -2.04 12.58
C SER A 30 -8.13 -1.91 12.65
N ARG A 31 -8.79 -1.74 11.50
CA ARG A 31 -10.23 -1.61 11.36
C ARG A 31 -10.85 -2.99 11.57
N ASP A 32 -12.18 -3.09 11.63
CA ASP A 32 -12.85 -4.37 11.82
C ASP A 32 -12.65 -5.25 10.59
N ASN A 33 -12.45 -4.65 9.41
CA ASN A 33 -12.20 -5.27 8.10
C ASN A 33 -11.90 -4.14 7.11
N ILE A 34 -11.54 -4.42 5.86
CA ILE A 34 -11.23 -3.42 4.85
C ILE A 34 -12.32 -3.44 3.78
N PRO A 35 -12.84 -2.29 3.34
CA PRO A 35 -13.87 -2.26 2.30
C PRO A 35 -13.27 -2.64 0.94
N GLU A 36 -14.11 -3.16 0.04
CA GLU A 36 -13.71 -3.57 -1.30
C GLU A 36 -13.23 -2.39 -2.14
N GLU A 37 -13.84 -1.23 -1.96
CA GLU A 37 -13.55 0.02 -2.65
C GLU A 37 -12.10 0.41 -2.42
N LEU A 38 -11.58 0.22 -1.21
CA LEU A 38 -10.19 0.52 -0.84
C LEU A 38 -9.28 -0.49 -1.52
N LEU A 39 -9.62 -1.78 -1.44
CA LEU A 39 -8.83 -2.84 -2.05
C LEU A 39 -8.73 -2.56 -3.55
N ASN A 40 -9.85 -2.22 -4.19
CA ASN A 40 -9.95 -1.93 -5.61
C ASN A 40 -9.01 -0.80 -6.01
N GLU A 41 -8.96 0.25 -5.20
CA GLU A 41 -8.13 1.42 -5.42
C GLU A 41 -6.66 1.04 -5.33
N TRP A 42 -6.25 0.43 -4.22
CA TRP A 42 -4.85 0.01 -4.02
C TRP A 42 -4.41 -1.03 -5.05
N LYS A 43 -5.31 -1.88 -5.53
CA LYS A 43 -5.00 -2.89 -6.53
C LYS A 43 -4.78 -2.24 -7.88
N TYR A 44 -5.44 -1.11 -8.14
CA TYR A 44 -5.30 -0.38 -9.40
C TYR A 44 -3.85 0.12 -9.52
N TYR A 45 -3.41 0.92 -8.56
CA TYR A 45 -2.08 1.51 -8.49
C TYR A 45 -1.10 0.67 -7.67
N ARG A 46 -1.30 -0.64 -7.57
CA ARG A 46 -0.42 -1.50 -6.79
C ARG A 46 1.04 -1.34 -7.17
N GLN A 47 1.37 -1.28 -8.46
CA GLN A 47 2.75 -1.14 -8.89
C GLN A 47 3.25 0.27 -8.62
N ASP A 48 2.39 1.30 -8.68
CA ASP A 48 2.82 2.68 -8.39
C ASP A 48 3.27 2.69 -6.94
N LEU A 49 2.41 2.12 -6.09
CA LEU A 49 2.58 1.98 -4.66
C LEU A 49 3.85 1.20 -4.39
N ILE A 50 3.85 -0.11 -4.65
CA ILE A 50 4.97 -1.03 -4.42
C ILE A 50 6.30 -0.39 -4.71
N ASP A 51 6.47 0.22 -5.89
CA ASP A 51 7.72 0.85 -6.28
C ASP A 51 8.30 1.72 -5.18
N PHE A 52 7.47 2.53 -4.53
CA PHE A 52 7.91 3.37 -3.42
C PHE A 52 7.90 2.56 -2.12
N LEU A 53 6.94 1.65 -1.92
CA LEU A 53 6.81 0.84 -0.69
C LEU A 53 8.09 0.09 -0.35
N GLN A 54 8.76 -0.45 -1.37
CA GLN A 54 9.99 -1.18 -1.18
C GLN A 54 11.05 -0.26 -0.56
N GLN A 55 11.13 0.98 -1.04
CA GLN A 55 12.06 2.01 -0.61
C GLN A 55 11.73 2.51 0.80
N LEU A 56 10.43 2.62 1.12
CA LEU A 56 9.93 3.07 2.41
C LEU A 56 10.50 2.20 3.53
N ASP A 57 10.53 0.89 3.30
CA ASP A 57 11.06 -0.10 4.23
C ASP A 57 12.58 -0.19 4.15
N ALA A 58 13.13 -0.07 2.92
CA ALA A 58 14.56 -0.14 2.58
C ALA A 58 15.21 -1.46 3.01
N LYS A 59 14.40 -2.51 3.09
CA LYS A 59 14.78 -3.83 3.52
C LYS A 59 15.05 -4.79 2.36
N GLU A 60 16.31 -5.18 2.20
CA GLU A 60 16.82 -6.08 1.19
C GLU A 60 16.09 -7.42 1.29
N GLU A 61 15.14 -7.67 0.40
CA GLU A 61 14.34 -8.87 0.34
C GLU A 61 14.40 -9.42 -1.08
N THR A 62 15.28 -10.40 -1.32
CA THR A 62 15.45 -11.03 -2.62
C THR A 62 14.16 -11.79 -3.00
N GLN A 63 13.96 -12.03 -4.30
CA GLN A 63 12.80 -12.73 -4.83
C GLN A 63 12.73 -14.15 -4.31
N MET A 1 0.87 12.18 -12.47
CA MET A 1 0.10 11.03 -11.97
C MET A 1 0.16 11.03 -10.45
N LYS A 2 -0.91 10.60 -9.77
CA LYS A 2 -0.92 10.54 -8.31
C LYS A 2 0.03 9.44 -7.90
N ASN A 3 1.20 9.86 -7.44
CA ASN A 3 2.26 9.00 -6.98
C ASN A 3 1.80 8.28 -5.73
N ALA A 4 2.48 7.17 -5.46
CA ALA A 4 2.25 6.27 -4.36
C ALA A 4 2.08 7.00 -3.05
N ALA A 5 3.00 7.93 -2.79
CA ALA A 5 3.00 8.71 -1.58
C ALA A 5 1.67 9.39 -1.31
N GLN A 6 1.07 9.99 -2.35
CA GLN A 6 -0.20 10.67 -2.23
C GLN A 6 -1.29 9.63 -1.95
N ILE A 7 -1.25 8.48 -2.64
CA ILE A 7 -2.25 7.43 -2.46
C ILE A 7 -2.20 6.92 -1.01
N VAL A 8 -1.00 6.61 -0.52
CA VAL A 8 -0.79 6.11 0.83
C VAL A 8 -1.27 7.15 1.85
N ASP A 9 -1.07 8.45 1.60
CA ASP A 9 -1.51 9.50 2.51
C ASP A 9 -3.04 9.54 2.60
N GLU A 10 -3.71 9.18 1.51
CA GLU A 10 -5.18 9.13 1.41
C GLU A 10 -5.68 7.94 2.23
N ALA A 11 -4.98 6.80 2.16
CA ALA A 11 -5.33 5.59 2.90
C ALA A 11 -5.08 5.83 4.39
N LEU A 12 -3.98 6.49 4.73
CA LEU A 12 -3.57 6.85 6.08
C LEU A 12 -4.72 7.58 6.77
N ASN A 13 -5.39 8.47 6.02
CA ASN A 13 -6.52 9.27 6.48
C ASN A 13 -7.66 8.42 7.02
N GLN A 14 -7.80 7.17 6.56
CA GLN A 14 -8.84 6.26 6.98
C GLN A 14 -8.34 5.30 8.07
N GLY A 15 -7.06 5.37 8.43
CA GLY A 15 -6.46 4.53 9.46
C GLY A 15 -5.88 3.23 8.90
N ILE A 16 -5.41 3.21 7.66
CA ILE A 16 -4.81 2.05 7.00
C ILE A 16 -3.46 2.46 6.44
N THR A 17 -2.50 1.54 6.39
CA THR A 17 -1.14 1.76 5.90
C THR A 17 -0.87 0.76 4.78
N LEU A 18 0.09 1.08 3.92
CA LEU A 18 0.49 0.26 2.77
C LEU A 18 1.98 -0.09 2.88
N PHE A 19 2.31 -1.37 2.73
CA PHE A 19 3.70 -1.87 2.78
C PHE A 19 3.92 -2.98 1.74
N VAL A 20 5.17 -3.44 1.60
CA VAL A 20 5.58 -4.48 0.65
C VAL A 20 6.37 -5.57 1.35
N ALA A 21 6.10 -6.78 0.89
CA ALA A 21 6.69 -8.06 1.28
C ALA A 21 6.33 -9.01 0.14
N ASP A 22 7.05 -10.12 -0.03
CA ASP A 22 6.72 -11.14 -1.05
C ASP A 22 6.57 -10.57 -2.47
N ASN A 23 7.25 -9.46 -2.77
CA ASN A 23 7.22 -8.73 -4.04
C ASN A 23 5.76 -8.36 -4.42
N ARG A 24 4.86 -8.26 -3.43
CA ARG A 24 3.45 -7.95 -3.63
C ARG A 24 2.99 -6.78 -2.77
N LEU A 25 1.87 -6.19 -3.20
CA LEU A 25 1.25 -5.06 -2.52
C LEU A 25 0.49 -5.61 -1.33
N GLN A 26 0.71 -5.05 -0.14
CA GLN A 26 0.04 -5.38 1.09
C GLN A 26 -0.43 -4.09 1.75
N TYR A 27 -1.29 -4.25 2.74
CA TYR A 27 -1.90 -3.21 3.54
C TYR A 27 -2.12 -3.79 4.93
N GLU A 28 -2.07 -2.92 5.92
CA GLU A 28 -2.27 -3.28 7.31
C GLU A 28 -3.05 -2.15 7.96
N THR A 29 -4.11 -2.52 8.67
CA THR A 29 -4.96 -1.61 9.39
C THR A 29 -5.48 -2.34 10.63
N SER A 30 -5.80 -1.59 11.67
CA SER A 30 -6.33 -2.15 12.91
C SER A 30 -7.86 -2.24 12.81
N ARG A 31 -8.44 -1.75 11.72
CA ARG A 31 -9.88 -1.74 11.46
C ARG A 31 -10.42 -3.17 11.47
N ASP A 32 -11.73 -3.30 11.67
CA ASP A 32 -12.42 -4.59 11.70
C ASP A 32 -12.25 -5.31 10.36
N ASN A 33 -12.38 -4.55 9.27
CA ASN A 33 -12.26 -5.02 7.90
C ASN A 33 -11.90 -3.82 7.02
N ILE A 34 -11.69 -4.05 5.73
CA ILE A 34 -11.36 -3.05 4.75
C ILE A 34 -12.40 -3.12 3.62
N PRO A 35 -12.97 -1.98 3.18
CA PRO A 35 -13.95 -1.98 2.11
C PRO A 35 -13.33 -2.38 0.77
N GLU A 36 -14.16 -2.87 -0.15
CA GLU A 36 -13.72 -3.28 -1.47
C GLU A 36 -13.22 -2.11 -2.31
N GLU A 37 -13.78 -0.92 -2.09
CA GLU A 37 -13.39 0.27 -2.82
C GLU A 37 -11.92 0.56 -2.53
N LEU A 38 -11.50 0.44 -1.27
CA LEU A 38 -10.12 0.70 -0.83
C LEU A 38 -9.21 -0.32 -1.48
N LEU A 39 -9.63 -1.59 -1.43
CA LEU A 39 -8.85 -2.66 -2.02
C LEU A 39 -8.68 -2.37 -3.50
N ASN A 40 -9.77 -2.14 -4.21
CA ASN A 40 -9.77 -1.86 -5.63
C ASN A 40 -8.88 -0.68 -6.00
N GLU A 41 -8.92 0.37 -5.21
CA GLU A 41 -8.16 1.59 -5.41
C GLU A 41 -6.66 1.33 -5.31
N TRP A 42 -6.19 0.75 -4.21
CA TRP A 42 -4.77 0.48 -4.00
C TRP A 42 -4.28 -0.63 -4.94
N LYS A 43 -5.13 -1.62 -5.23
CA LYS A 43 -4.77 -2.70 -6.14
C LYS A 43 -4.60 -2.15 -7.56
N TYR A 44 -5.27 -1.05 -7.90
CA TYR A 44 -5.15 -0.44 -9.21
C TYR A 44 -3.69 -0.07 -9.45
N TYR A 45 -3.18 0.83 -8.62
CA TYR A 45 -1.83 1.37 -8.64
C TYR A 45 -0.91 0.48 -7.83
N ARG A 46 -1.20 -0.82 -7.65
CA ARG A 46 -0.37 -1.70 -6.85
C ARG A 46 1.11 -1.58 -7.17
N GLN A 47 1.49 -1.61 -8.46
CA GLN A 47 2.90 -1.52 -8.81
C GLN A 47 3.41 -0.11 -8.55
N ASP A 48 2.60 0.92 -8.83
CA ASP A 48 3.04 2.31 -8.60
C ASP A 48 3.38 2.48 -7.13
N LEU A 49 2.51 1.90 -6.29
CA LEU A 49 2.59 1.86 -4.85
C LEU A 49 3.84 1.09 -4.50
N ILE A 50 3.84 -0.22 -4.77
CA ILE A 50 4.92 -1.15 -4.47
C ILE A 50 6.27 -0.53 -4.68
N ASP A 51 6.53 0.06 -5.84
CA ASP A 51 7.80 0.68 -6.15
C ASP A 51 8.29 1.59 -5.02
N PHE A 52 7.43 2.48 -4.53
CA PHE A 52 7.75 3.37 -3.41
C PHE A 52 7.76 2.57 -2.10
N LEU A 53 6.87 1.59 -1.94
CA LEU A 53 6.77 0.78 -0.73
C LEU A 53 8.08 0.04 -0.44
N GLN A 54 8.76 -0.43 -1.49
CA GLN A 54 10.03 -1.14 -1.37
C GLN A 54 11.06 -0.21 -0.72
N GLN A 55 10.94 1.10 -0.97
CA GLN A 55 11.80 2.15 -0.44
C GLN A 55 11.34 2.62 0.94
N LEU A 56 10.05 2.50 1.26
CA LEU A 56 9.52 2.90 2.56
C LEU A 56 10.10 1.97 3.60
N ASP A 57 9.98 0.66 3.37
CA ASP A 57 10.54 -0.35 4.28
C ASP A 57 12.04 -0.52 4.01
N ALA A 58 12.51 0.00 2.87
CA ALA A 58 13.88 -0.04 2.38
C ALA A 58 14.45 -1.46 2.47
N LYS A 59 13.62 -2.47 2.24
CA LYS A 59 13.98 -3.87 2.34
C LYS A 59 13.52 -4.65 1.11
N GLU A 60 14.08 -5.84 0.95
CA GLU A 60 13.82 -6.82 -0.09
C GLU A 60 13.96 -8.20 0.57
N GLU A 61 13.60 -9.25 -0.16
CA GLU A 61 13.65 -10.63 0.30
C GLU A 61 14.07 -11.50 -0.90
N THR A 62 14.16 -12.82 -0.77
CA THR A 62 14.59 -13.69 -1.86
C THR A 62 13.68 -14.90 -2.01
N GLN A 63 14.00 -15.76 -2.98
CA GLN A 63 13.30 -16.99 -3.28
C GLN A 63 14.37 -18.04 -3.16
N MET A 1 -0.34 10.64 -12.66
CA MET A 1 -1.23 11.62 -12.02
C MET A 1 -1.15 11.63 -10.50
N LYS A 2 -0.88 10.50 -9.81
CA LYS A 2 -0.81 10.50 -8.35
C LYS A 2 0.25 9.51 -7.91
N ASN A 3 1.37 10.00 -7.38
CA ASN A 3 2.46 9.16 -6.90
C ASN A 3 1.96 8.36 -5.72
N ALA A 4 2.62 7.24 -5.44
CA ALA A 4 2.32 6.32 -4.37
C ALA A 4 2.15 7.03 -3.04
N ALA A 5 3.06 7.96 -2.76
CA ALA A 5 3.09 8.74 -1.53
C ALA A 5 1.74 9.40 -1.24
N GLN A 6 1.13 9.97 -2.27
CA GLN A 6 -0.16 10.64 -2.16
C GLN A 6 -1.27 9.61 -1.91
N ILE A 7 -1.20 8.46 -2.58
CA ILE A 7 -2.20 7.39 -2.44
C ILE A 7 -2.17 6.86 -1.00
N VAL A 8 -0.97 6.54 -0.51
CA VAL A 8 -0.75 5.99 0.82
C VAL A 8 -1.26 6.99 1.87
N ASP A 9 -1.05 8.29 1.68
CA ASP A 9 -1.52 9.28 2.66
C ASP A 9 -3.04 9.30 2.76
N GLU A 10 -3.70 9.11 1.63
CA GLU A 10 -5.16 9.07 1.59
C GLU A 10 -5.67 7.82 2.31
N ALA A 11 -4.95 6.70 2.23
CA ALA A 11 -5.33 5.46 2.91
C ALA A 11 -5.07 5.66 4.42
N LEU A 12 -3.93 6.28 4.76
CA LEU A 12 -3.52 6.58 6.12
C LEU A 12 -4.63 7.40 6.79
N ASN A 13 -5.22 8.32 6.04
CA ASN A 13 -6.31 9.19 6.47
C ASN A 13 -7.53 8.39 6.96
N GLN A 14 -7.70 7.16 6.47
CA GLN A 14 -8.77 6.24 6.84
C GLN A 14 -8.27 5.23 7.88
N GLY A 15 -7.01 5.32 8.30
CA GLY A 15 -6.41 4.44 9.28
C GLY A 15 -5.87 3.15 8.67
N ILE A 16 -5.40 3.16 7.42
CA ILE A 16 -4.85 1.98 6.77
C ILE A 16 -3.51 2.36 6.12
N THR A 17 -2.49 1.55 6.37
CA THR A 17 -1.12 1.73 5.87
C THR A 17 -0.90 0.71 4.75
N LEU A 18 0.09 0.98 3.88
CA LEU A 18 0.44 0.14 2.76
C LEU A 18 1.91 -0.25 2.89
N PHE A 19 2.22 -1.54 2.72
CA PHE A 19 3.58 -2.07 2.81
C PHE A 19 3.85 -3.14 1.73
N VAL A 20 5.10 -3.64 1.64
CA VAL A 20 5.53 -4.67 0.69
C VAL A 20 6.32 -5.75 1.42
N ALA A 21 6.13 -6.96 0.91
CA ALA A 21 6.70 -8.26 1.28
C ALA A 21 6.33 -9.18 0.13
N ASP A 22 7.08 -10.26 -0.09
CA ASP A 22 6.82 -11.25 -1.13
C ASP A 22 6.61 -10.65 -2.52
N ASN A 23 7.31 -9.54 -2.80
CA ASN A 23 7.26 -8.79 -4.04
C ASN A 23 5.81 -8.35 -4.38
N ARG A 24 4.91 -8.33 -3.39
CA ARG A 24 3.51 -7.99 -3.55
C ARG A 24 3.09 -6.81 -2.70
N LEU A 25 1.98 -6.20 -3.10
CA LEU A 25 1.38 -5.08 -2.41
C LEU A 25 0.63 -5.68 -1.22
N GLN A 26 0.78 -5.11 -0.03
CA GLN A 26 0.14 -5.49 1.22
C GLN A 26 -0.42 -4.21 1.85
N TYR A 27 -1.25 -4.37 2.87
CA TYR A 27 -1.89 -3.29 3.61
C TYR A 27 -2.08 -3.77 5.04
N GLU A 28 -2.06 -2.85 5.99
CA GLU A 28 -2.24 -3.13 7.41
C GLU A 28 -3.07 -2.01 8.00
N THR A 29 -4.10 -2.37 8.74
CA THR A 29 -5.02 -1.47 9.41
C THR A 29 -5.44 -2.13 10.73
N SER A 30 -6.22 -1.39 11.53
CA SER A 30 -6.76 -1.84 12.81
C SER A 30 -8.30 -1.81 12.74
N ARG A 31 -8.85 -1.50 11.55
CA ARG A 31 -10.29 -1.43 11.28
C ARG A 31 -10.86 -2.83 11.42
N ASP A 32 -12.17 -2.93 11.62
CA ASP A 32 -12.86 -4.21 11.78
C ASP A 32 -12.67 -5.10 10.54
N ASN A 33 -12.59 -4.48 9.38
CA ASN A 33 -12.40 -5.07 8.05
C ASN A 33 -12.04 -3.94 7.10
N ILE A 34 -11.56 -4.28 5.90
CA ILE A 34 -11.21 -3.29 4.88
C ILE A 34 -12.27 -3.42 3.77
N PRO A 35 -12.86 -2.31 3.31
CA PRO A 35 -13.83 -2.37 2.24
C PRO A 35 -13.14 -2.72 0.92
N GLU A 36 -13.88 -3.32 -0.02
CA GLU A 36 -13.31 -3.68 -1.31
C GLU A 36 -12.96 -2.45 -2.14
N GLU A 37 -13.66 -1.33 -1.96
CA GLU A 37 -13.37 -0.13 -2.74
C GLU A 37 -11.96 0.36 -2.42
N LEU A 38 -11.54 0.28 -1.16
CA LEU A 38 -10.21 0.70 -0.72
C LEU A 38 -9.21 -0.23 -1.39
N LEU A 39 -9.48 -1.54 -1.31
CA LEU A 39 -8.61 -2.53 -1.91
C LEU A 39 -8.49 -2.25 -3.39
N ASN A 40 -9.61 -2.13 -4.10
CA ASN A 40 -9.67 -1.88 -5.53
C ASN A 40 -8.94 -0.61 -5.94
N GLU A 41 -9.04 0.45 -5.13
CA GLU A 41 -8.41 1.73 -5.39
C GLU A 41 -6.90 1.57 -5.33
N TRP A 42 -6.39 0.98 -4.23
CA TRP A 42 -4.95 0.77 -4.06
C TRP A 42 -4.44 -0.25 -5.07
N LYS A 43 -5.20 -1.32 -5.34
CA LYS A 43 -4.85 -2.36 -6.30
C LYS A 43 -4.69 -1.76 -7.69
N TYR A 44 -5.43 -0.70 -8.03
CA TYR A 44 -5.33 -0.06 -9.33
C TYR A 44 -3.89 0.37 -9.62
N TYR A 45 -3.25 0.98 -8.62
CA TYR A 45 -1.89 1.50 -8.62
C TYR A 45 -0.94 0.60 -7.82
N ARG A 46 -1.27 -0.68 -7.55
CA ARG A 46 -0.41 -1.54 -6.75
C ARG A 46 1.05 -1.48 -7.16
N GLN A 47 1.36 -1.52 -8.46
CA GLN A 47 2.73 -1.49 -8.90
C GLN A 47 3.36 -0.14 -8.64
N ASP A 48 2.61 0.95 -8.88
CA ASP A 48 3.10 2.31 -8.65
C ASP A 48 3.45 2.46 -7.17
N LEU A 49 2.60 1.84 -6.33
CA LEU A 49 2.74 1.83 -4.88
C LEU A 49 3.98 1.05 -4.55
N ILE A 50 4.02 -0.26 -4.88
CA ILE A 50 5.14 -1.18 -4.61
C ILE A 50 6.47 -0.51 -4.89
N ASP A 51 6.61 0.11 -6.05
CA ASP A 51 7.82 0.79 -6.50
C ASP A 51 8.41 1.67 -5.39
N PHE A 52 7.52 2.38 -4.68
CA PHE A 52 7.80 3.26 -3.57
C PHE A 52 7.78 2.53 -2.23
N LEU A 53 6.88 1.57 -2.03
CA LEU A 53 6.75 0.82 -0.77
C LEU A 53 8.04 0.13 -0.40
N GLN A 54 8.71 -0.42 -1.41
CA GLN A 54 9.99 -1.10 -1.25
C GLN A 54 10.99 -0.16 -0.56
N GLN A 55 11.01 1.09 -1.02
CA GLN A 55 11.87 2.17 -0.56
C GLN A 55 11.42 2.74 0.79
N LEU A 56 10.13 2.68 1.09
CA LEU A 56 9.56 3.18 2.34
C LEU A 56 9.94 2.26 3.50
N ASP A 57 10.08 0.95 3.20
CA ASP A 57 10.42 -0.06 4.19
C ASP A 57 11.93 -0.37 4.20
N ALA A 58 12.60 -0.12 3.07
CA ALA A 58 14.02 -0.31 2.83
C ALA A 58 14.50 -1.69 3.33
N LYS A 59 13.74 -2.74 3.01
CA LYS A 59 14.01 -4.12 3.37
C LYS A 59 13.60 -4.99 2.20
N GLU A 60 14.25 -6.15 2.02
CA GLU A 60 13.98 -7.08 0.93
C GLU A 60 14.21 -8.50 1.45
N GLU A 61 13.14 -9.23 1.73
CA GLU A 61 13.17 -10.60 2.25
C GLU A 61 13.08 -11.58 1.08
N THR A 62 14.13 -12.39 0.91
CA THR A 62 14.31 -13.39 -0.14
C THR A 62 14.73 -14.76 0.40
N GLN A 63 14.65 -15.77 -0.46
CA GLN A 63 15.00 -17.17 -0.22
C GLN A 63 16.50 -17.33 -0.08
N MET A 1 -0.09 10.34 -12.55
CA MET A 1 0.09 11.61 -11.83
C MET A 1 0.18 11.35 -10.33
N LYS A 2 -0.86 10.80 -9.69
CA LYS A 2 -0.84 10.55 -8.25
C LYS A 2 0.17 9.48 -7.88
N ASN A 3 1.33 9.92 -7.40
CA ASN A 3 2.41 9.06 -6.96
C ASN A 3 1.93 8.31 -5.72
N ALA A 4 2.61 7.23 -5.40
CA ALA A 4 2.34 6.32 -4.32
C ALA A 4 2.14 7.03 -3.01
N ALA A 5 3.05 7.96 -2.69
CA ALA A 5 3.01 8.72 -1.46
C ALA A 5 1.67 9.42 -1.27
N GLN A 6 1.14 10.05 -2.33
CA GLN A 6 -0.14 10.73 -2.24
C GLN A 6 -1.24 9.70 -1.97
N ILE A 7 -1.12 8.49 -2.52
CA ILE A 7 -2.10 7.42 -2.33
C ILE A 7 -2.03 6.90 -0.89
N VAL A 8 -0.83 6.57 -0.39
CA VAL A 8 -0.64 6.06 0.97
C VAL A 8 -1.15 7.09 1.98
N ASP A 9 -0.93 8.38 1.74
CA ASP A 9 -1.40 9.44 2.63
C ASP A 9 -2.92 9.38 2.71
N GLU A 10 -3.57 9.24 1.55
CA GLU A 10 -5.01 9.16 1.48
C GLU A 10 -5.51 7.97 2.32
N ALA A 11 -4.87 6.81 2.16
CA ALA A 11 -5.21 5.59 2.85
C ALA A 11 -4.96 5.74 4.36
N LEU A 12 -3.89 6.40 4.77
CA LEU A 12 -3.52 6.64 6.16
C LEU A 12 -4.69 7.32 6.87
N ASN A 13 -5.27 8.31 6.20
CA ASN A 13 -6.41 9.09 6.66
C ASN A 13 -7.63 8.22 6.91
N GLN A 14 -7.71 7.06 6.24
CA GLN A 14 -8.79 6.08 6.36
C GLN A 14 -8.42 5.00 7.38
N GLY A 15 -7.30 5.16 8.09
CA GLY A 15 -6.83 4.23 9.11
C GLY A 15 -6.19 2.97 8.51
N ILE A 16 -5.51 3.06 7.37
CA ILE A 16 -4.87 1.92 6.71
C ILE A 16 -3.53 2.39 6.13
N THR A 17 -2.53 1.51 6.11
CA THR A 17 -1.19 1.77 5.59
C THR A 17 -0.89 0.73 4.52
N LEU A 18 0.04 1.06 3.61
CA LEU A 18 0.42 0.20 2.49
C LEU A 18 1.86 -0.26 2.70
N PHE A 19 2.12 -1.57 2.53
CA PHE A 19 3.44 -2.20 2.68
C PHE A 19 3.73 -3.22 1.58
N VAL A 20 4.99 -3.67 1.48
CA VAL A 20 5.49 -4.65 0.53
C VAL A 20 6.12 -5.83 1.27
N ALA A 21 5.77 -7.02 0.80
CA ALA A 21 6.24 -8.32 1.25
C ALA A 21 6.02 -9.24 0.06
N ASP A 22 6.87 -10.26 -0.10
CA ASP A 22 6.74 -11.25 -1.20
C ASP A 22 6.72 -10.60 -2.59
N ASN A 23 7.34 -9.42 -2.73
CA ASN A 23 7.40 -8.63 -3.96
C ASN A 23 6.00 -8.18 -4.40
N ARG A 24 5.02 -8.13 -3.48
CA ARG A 24 3.65 -7.75 -3.78
C ARG A 24 3.10 -6.65 -2.86
N LEU A 25 1.96 -6.09 -3.26
CA LEU A 25 1.25 -5.04 -2.56
C LEU A 25 0.41 -5.62 -1.43
N GLN A 26 0.62 -5.13 -0.22
CA GLN A 26 -0.09 -5.49 0.99
C GLN A 26 -0.54 -4.20 1.66
N TYR A 27 -1.40 -4.33 2.65
CA TYR A 27 -1.99 -3.25 3.41
C TYR A 27 -2.09 -3.72 4.86
N GLU A 28 -2.06 -2.78 5.79
CA GLU A 28 -2.17 -3.04 7.22
C GLU A 28 -3.15 -2.02 7.78
N THR A 29 -4.17 -2.50 8.49
CA THR A 29 -5.17 -1.65 9.09
C THR A 29 -5.68 -2.34 10.36
N SER A 30 -5.78 -1.59 11.45
CA SER A 30 -6.29 -2.10 12.70
C SER A 30 -7.82 -1.98 12.75
N ARG A 31 -8.47 -1.70 11.61
CA ARG A 31 -9.92 -1.56 11.48
C ARG A 31 -10.60 -2.90 11.68
N ASP A 32 -11.92 -2.87 11.74
CA ASP A 32 -12.77 -4.05 11.91
C ASP A 32 -12.57 -4.96 10.71
N ASN A 33 -12.51 -4.38 9.51
CA ASN A 33 -12.32 -4.99 8.20
C ASN A 33 -12.03 -3.82 7.23
N ILE A 34 -11.75 -4.10 5.96
CA ILE A 34 -11.47 -3.09 4.95
C ILE A 34 -12.55 -3.14 3.85
N PRO A 35 -13.06 -1.99 3.39
CA PRO A 35 -14.06 -1.95 2.33
C PRO A 35 -13.43 -2.40 1.01
N GLU A 36 -14.25 -2.90 0.10
CA GLU A 36 -13.77 -3.36 -1.20
C GLU A 36 -13.24 -2.24 -2.07
N GLU A 37 -13.82 -1.05 -1.97
CA GLU A 37 -13.42 0.12 -2.74
C GLU A 37 -11.95 0.44 -2.45
N LEU A 38 -11.54 0.35 -1.18
CA LEU A 38 -10.18 0.64 -0.73
C LEU A 38 -9.24 -0.40 -1.32
N LEU A 39 -9.62 -1.67 -1.23
CA LEU A 39 -8.80 -2.74 -1.78
C LEU A 39 -8.60 -2.51 -3.27
N ASN A 40 -9.71 -2.28 -3.98
CA ASN A 40 -9.70 -2.06 -5.41
C ASN A 40 -8.88 -0.83 -5.81
N GLU A 41 -8.92 0.24 -5.04
CA GLU A 41 -8.19 1.48 -5.31
C GLU A 41 -6.67 1.24 -5.23
N TRP A 42 -6.20 0.72 -4.10
CA TRP A 42 -4.77 0.47 -3.89
C TRP A 42 -4.24 -0.61 -4.81
N LYS A 43 -5.06 -1.62 -5.13
CA LYS A 43 -4.64 -2.69 -6.03
C LYS A 43 -4.52 -2.15 -7.46
N TYR A 44 -5.28 -1.11 -7.81
CA TYR A 44 -5.23 -0.50 -9.14
C TYR A 44 -3.79 -0.07 -9.43
N TYR A 45 -3.24 0.79 -8.57
CA TYR A 45 -1.90 1.37 -8.62
C TYR A 45 -0.94 0.51 -7.82
N ARG A 46 -1.15 -0.81 -7.71
CA ARG A 46 -0.28 -1.66 -6.92
C ARG A 46 1.20 -1.51 -7.26
N GLN A 47 1.59 -1.52 -8.54
CA GLN A 47 3.01 -1.40 -8.88
C GLN A 47 3.48 0.00 -8.60
N ASP A 48 2.62 1.02 -8.77
CA ASP A 48 3.01 2.40 -8.51
C ASP A 48 3.38 2.52 -7.04
N LEU A 49 2.49 1.96 -6.22
CA LEU A 49 2.61 1.90 -4.78
C LEU A 49 3.89 1.15 -4.47
N ILE A 50 3.95 -0.16 -4.78
CA ILE A 50 5.06 -1.05 -4.52
C ILE A 50 6.41 -0.38 -4.77
N ASP A 51 6.60 0.24 -5.94
CA ASP A 51 7.86 0.88 -6.30
C ASP A 51 8.37 1.83 -5.22
N PHE A 52 7.46 2.54 -4.54
CA PHE A 52 7.81 3.42 -3.44
C PHE A 52 7.80 2.64 -2.11
N LEU A 53 6.89 1.68 -1.94
CA LEU A 53 6.77 0.89 -0.71
C LEU A 53 8.05 0.16 -0.36
N GLN A 54 8.75 -0.35 -1.38
CA GLN A 54 10.00 -1.07 -1.17
C GLN A 54 11.02 -0.12 -0.53
N GLN A 55 11.04 1.15 -0.94
CA GLN A 55 11.95 2.16 -0.44
C GLN A 55 11.54 2.62 0.96
N LEU A 56 10.23 2.76 1.20
CA LEU A 56 9.69 3.20 2.48
C LEU A 56 10.18 2.32 3.61
N ASP A 57 10.20 1.01 3.41
CA ASP A 57 10.66 0.05 4.41
C ASP A 57 12.12 -0.37 4.18
N ALA A 58 12.65 -0.14 2.99
CA ALA A 58 13.99 -0.45 2.53
C ALA A 58 14.42 -1.91 2.76
N LYS A 59 13.48 -2.82 2.97
CA LYS A 59 13.70 -4.24 3.22
C LYS A 59 14.24 -4.94 1.97
N GLU A 60 15.50 -5.39 2.04
CA GLU A 60 16.17 -6.11 0.98
C GLU A 60 15.56 -7.52 0.93
N GLU A 61 15.10 -7.99 -0.22
CA GLU A 61 14.52 -9.34 -0.33
C GLU A 61 14.64 -9.88 -1.75
N THR A 62 14.71 -11.22 -1.88
CA THR A 62 14.80 -11.97 -3.12
C THR A 62 14.48 -13.45 -2.84
N GLN A 63 14.31 -14.23 -3.90
CA GLN A 63 13.96 -15.65 -3.90
C GLN A 63 14.98 -16.48 -4.65
N MET A 1 -2.92 11.95 -12.37
CA MET A 1 -1.80 11.17 -11.82
C MET A 1 -1.70 11.42 -10.34
N LYS A 2 -1.48 10.36 -9.56
CA LYS A 2 -1.36 10.41 -8.12
C LYS A 2 -0.24 9.47 -7.76
N ASN A 3 0.90 10.06 -7.40
CA ASN A 3 2.12 9.38 -7.00
C ASN A 3 1.80 8.54 -5.76
N ALA A 4 2.60 7.49 -5.57
CA ALA A 4 2.50 6.51 -4.50
C ALA A 4 2.31 7.16 -3.15
N ALA A 5 3.12 8.19 -2.87
CA ALA A 5 3.10 8.92 -1.63
C ALA A 5 1.72 9.47 -1.29
N GLN A 6 0.99 9.99 -2.29
CA GLN A 6 -0.35 10.53 -2.10
C GLN A 6 -1.34 9.39 -1.86
N ILE A 7 -1.16 8.24 -2.52
CA ILE A 7 -2.03 7.08 -2.38
C ILE A 7 -1.96 6.59 -0.94
N VAL A 8 -0.74 6.40 -0.41
CA VAL A 8 -0.61 5.94 0.97
C VAL A 8 -1.16 6.98 1.94
N ASP A 9 -0.99 8.28 1.66
CA ASP A 9 -1.50 9.35 2.52
C ASP A 9 -3.02 9.25 2.63
N GLU A 10 -3.70 9.07 1.49
CA GLU A 10 -5.15 8.95 1.46
C GLU A 10 -5.60 7.73 2.27
N ALA A 11 -4.88 6.61 2.16
CA ALA A 11 -5.24 5.41 2.88
C ALA A 11 -5.05 5.61 4.39
N LEU A 12 -3.91 6.19 4.78
CA LEU A 12 -3.55 6.45 6.16
C LEU A 12 -4.63 7.29 6.84
N ASN A 13 -5.22 8.23 6.11
CA ASN A 13 -6.29 9.10 6.58
C ASN A 13 -7.46 8.26 7.12
N GLN A 14 -7.71 7.08 6.52
CA GLN A 14 -8.76 6.14 6.91
C GLN A 14 -8.26 5.10 7.93
N GLY A 15 -6.99 5.17 8.30
CA GLY A 15 -6.36 4.28 9.27
C GLY A 15 -5.82 3.00 8.65
N ILE A 16 -5.40 3.01 7.38
CA ILE A 16 -4.86 1.86 6.68
C ILE A 16 -3.59 2.29 5.97
N THR A 17 -2.51 1.54 6.10
CA THR A 17 -1.23 1.86 5.46
C THR A 17 -0.95 0.76 4.43
N LEU A 18 -0.03 1.03 3.50
CA LEU A 18 0.38 0.12 2.44
C LEU A 18 1.81 -0.32 2.75
N PHE A 19 2.12 -1.60 2.54
CA PHE A 19 3.44 -2.21 2.77
C PHE A 19 3.72 -3.27 1.71
N VAL A 20 4.97 -3.73 1.60
CA VAL A 20 5.44 -4.74 0.65
C VAL A 20 6.04 -5.94 1.37
N ALA A 21 5.72 -7.11 0.84
CA ALA A 21 6.16 -8.43 1.26
C ALA A 21 5.84 -9.32 0.08
N ASP A 22 6.54 -10.44 -0.07
CA ASP A 22 6.32 -11.41 -1.13
C ASP A 22 6.36 -10.78 -2.54
N ASN A 23 7.09 -9.67 -2.69
CA ASN A 23 7.20 -8.93 -3.93
C ASN A 23 5.81 -8.49 -4.43
N ARG A 24 4.85 -8.25 -3.53
CA ARG A 24 3.49 -7.85 -3.89
C ARG A 24 2.98 -6.74 -2.96
N LEU A 25 1.85 -6.12 -3.31
CA LEU A 25 1.22 -5.04 -2.55
C LEU A 25 0.43 -5.63 -1.40
N GLN A 26 0.67 -5.13 -0.18
CA GLN A 26 -0.02 -5.51 1.05
C GLN A 26 -0.47 -4.22 1.75
N TYR A 27 -1.20 -4.38 2.84
CA TYR A 27 -1.75 -3.29 3.64
C TYR A 27 -1.77 -3.72 5.09
N GLU A 28 -1.77 -2.73 5.97
CA GLU A 28 -1.79 -2.90 7.40
C GLU A 28 -2.73 -1.86 8.01
N THR A 29 -3.85 -2.34 8.56
CA THR A 29 -4.85 -1.51 9.21
C THR A 29 -5.19 -2.16 10.56
N SER A 30 -5.89 -1.39 11.39
CA SER A 30 -6.36 -1.77 12.71
C SER A 30 -7.89 -1.68 12.75
N ARG A 31 -8.53 -1.45 11.59
CA ARG A 31 -9.98 -1.37 11.41
C ARG A 31 -10.56 -2.76 11.63
N ASP A 32 -11.89 -2.85 11.69
CA ASP A 32 -12.57 -4.13 11.87
C ASP A 32 -12.27 -5.01 10.64
N ASN A 33 -12.24 -4.38 9.46
CA ASN A 33 -11.98 -4.95 8.15
C ASN A 33 -11.70 -3.78 7.18
N ILE A 34 -11.57 -4.03 5.87
CA ILE A 34 -11.29 -3.01 4.86
C ILE A 34 -12.37 -3.12 3.76
N PRO A 35 -12.93 -2.00 3.26
CA PRO A 35 -13.92 -2.04 2.20
C PRO A 35 -13.25 -2.47 0.89
N GLU A 36 -14.06 -2.99 -0.04
CA GLU A 36 -13.54 -3.44 -1.32
C GLU A 36 -13.09 -2.30 -2.21
N GLU A 37 -13.72 -1.13 -2.12
CA GLU A 37 -13.36 0.01 -2.95
C GLU A 37 -11.93 0.44 -2.64
N LEU A 38 -11.51 0.32 -1.38
CA LEU A 38 -10.17 0.66 -0.93
C LEU A 38 -9.22 -0.35 -1.55
N LEU A 39 -9.53 -1.65 -1.39
CA LEU A 39 -8.69 -2.70 -1.95
C LEU A 39 -8.57 -2.47 -3.45
N ASN A 40 -9.67 -2.18 -4.13
CA ASN A 40 -9.76 -1.93 -5.56
C ASN A 40 -8.93 -0.72 -5.98
N GLU A 41 -8.94 0.35 -5.20
CA GLU A 41 -8.18 1.56 -5.50
C GLU A 41 -6.68 1.28 -5.38
N TRP A 42 -6.28 0.58 -4.31
CA TRP A 42 -4.89 0.25 -4.09
C TRP A 42 -4.41 -0.78 -5.11
N LYS A 43 -5.23 -1.76 -5.45
CA LYS A 43 -4.91 -2.79 -6.43
C LYS A 43 -4.73 -2.15 -7.80
N TYR A 44 -5.47 -1.08 -8.10
CA TYR A 44 -5.39 -0.39 -9.38
C TYR A 44 -4.04 0.34 -9.56
N TYR A 45 -3.37 0.72 -8.48
CA TYR A 45 -2.07 1.40 -8.49
C TYR A 45 -1.02 0.62 -7.70
N ARG A 46 -1.19 -0.71 -7.59
CA ARG A 46 -0.27 -1.56 -6.84
C ARG A 46 1.18 -1.39 -7.29
N GLN A 47 1.42 -1.31 -8.61
CA GLN A 47 2.75 -1.17 -9.17
C GLN A 47 3.38 0.14 -8.76
N ASP A 48 2.57 1.20 -8.72
CA ASP A 48 3.03 2.54 -8.36
C ASP A 48 3.39 2.56 -6.88
N LEU A 49 2.48 1.98 -6.07
CA LEU A 49 2.61 1.87 -4.64
C LEU A 49 3.88 1.12 -4.31
N ILE A 50 3.95 -0.17 -4.64
CA ILE A 50 5.06 -1.05 -4.36
C ILE A 50 6.40 -0.40 -4.64
N ASP A 51 6.57 0.22 -5.81
CA ASP A 51 7.82 0.87 -6.17
C ASP A 51 8.37 1.78 -5.09
N PHE A 52 7.49 2.50 -4.39
CA PHE A 52 7.88 3.39 -3.31
C PHE A 52 7.85 2.61 -1.99
N LEU A 53 6.95 1.63 -1.82
CA LEU A 53 6.82 0.82 -0.59
C LEU A 53 8.13 0.17 -0.21
N GLN A 54 8.82 -0.40 -1.20
CA GLN A 54 10.08 -1.07 -1.00
C GLN A 54 11.07 -0.11 -0.31
N GLN A 55 11.06 1.17 -0.71
CA GLN A 55 11.91 2.25 -0.23
C GLN A 55 11.42 2.76 1.13
N LEU A 56 10.10 2.91 1.30
CA LEU A 56 9.45 3.37 2.53
C LEU A 56 9.84 2.47 3.70
N ASP A 57 10.01 1.18 3.43
CA ASP A 57 10.40 0.18 4.40
C ASP A 57 11.91 -0.08 4.37
N ALA A 58 12.57 0.30 3.27
CA ALA A 58 14.00 0.17 3.00
C ALA A 58 14.52 -1.25 3.21
N LYS A 59 13.67 -2.25 2.99
CA LYS A 59 14.01 -3.65 3.15
C LYS A 59 13.10 -4.49 2.25
N GLU A 60 13.57 -5.70 1.98
CA GLU A 60 12.95 -6.75 1.20
C GLU A 60 13.43 -8.06 1.83
N GLU A 61 13.09 -9.15 1.16
CA GLU A 61 13.40 -10.54 1.44
C GLU A 61 13.35 -11.22 0.06
N THR A 62 13.39 -12.55 0.00
CA THR A 62 13.31 -13.31 -1.23
C THR A 62 12.07 -14.21 -1.13
N GLN A 63 11.83 -15.11 -2.09
CA GLN A 63 10.68 -16.02 -2.10
C GLN A 63 11.07 -17.35 -2.69
N MET A 1 -0.08 10.00 -12.72
CA MET A 1 -0.49 11.23 -12.04
C MET A 1 -0.16 11.09 -10.54
N LYS A 2 -1.14 10.84 -9.68
CA LYS A 2 -0.96 10.69 -8.24
C LYS A 2 0.10 9.66 -7.90
N ASN A 3 1.22 10.14 -7.36
CA ASN A 3 2.34 9.33 -6.92
C ASN A 3 1.91 8.50 -5.73
N ALA A 4 2.63 7.41 -5.50
CA ALA A 4 2.42 6.42 -4.46
C ALA A 4 2.21 7.06 -3.11
N ALA A 5 3.07 8.03 -2.78
CA ALA A 5 3.02 8.74 -1.52
C ALA A 5 1.65 9.34 -1.24
N GLN A 6 1.05 9.99 -2.24
CA GLN A 6 -0.26 10.60 -2.10
C GLN A 6 -1.32 9.52 -1.90
N ILE A 7 -1.17 8.37 -2.56
CA ILE A 7 -2.12 7.27 -2.43
C ILE A 7 -2.06 6.76 -0.99
N VAL A 8 -0.85 6.52 -0.46
CA VAL A 8 -0.68 6.05 0.91
C VAL A 8 -1.27 7.09 1.88
N ASP A 9 -1.06 8.38 1.63
CA ASP A 9 -1.58 9.46 2.47
C ASP A 9 -3.11 9.43 2.52
N GLU A 10 -3.76 9.09 1.41
CA GLU A 10 -5.21 9.00 1.34
C GLU A 10 -5.70 7.81 2.15
N ALA A 11 -4.96 6.72 2.18
CA ALA A 11 -5.33 5.53 2.94
C ALA A 11 -5.15 5.80 4.44
N LEU A 12 -4.07 6.49 4.80
CA LEU A 12 -3.73 6.86 6.17
C LEU A 12 -4.91 7.57 6.83
N ASN A 13 -5.61 8.41 6.06
CA ASN A 13 -6.78 9.17 6.46
C ASN A 13 -7.87 8.32 7.07
N GLN A 14 -7.99 7.08 6.59
CA GLN A 14 -8.98 6.10 7.01
C GLN A 14 -8.45 5.12 8.06
N GLY A 15 -7.18 5.28 8.47
CA GLY A 15 -6.55 4.42 9.46
C GLY A 15 -5.97 3.15 8.87
N ILE A 16 -5.41 3.19 7.65
CA ILE A 16 -4.80 2.06 6.96
C ILE A 16 -3.43 2.51 6.41
N THR A 17 -2.49 1.59 6.32
CA THR A 17 -1.12 1.79 5.84
C THR A 17 -0.85 0.78 4.74
N LEU A 18 0.12 1.08 3.85
CA LEU A 18 0.50 0.23 2.73
C LEU A 18 1.96 -0.19 2.88
N PHE A 19 2.25 -1.48 2.68
CA PHE A 19 3.61 -2.06 2.76
C PHE A 19 3.85 -3.12 1.68
N VAL A 20 5.10 -3.61 1.55
CA VAL A 20 5.53 -4.63 0.61
C VAL A 20 6.26 -5.76 1.33
N ALA A 21 5.99 -6.97 0.83
CA ALA A 21 6.51 -8.26 1.21
C ALA A 21 6.08 -9.20 0.10
N ASP A 22 6.75 -10.34 -0.09
CA ASP A 22 6.37 -11.35 -1.09
C ASP A 22 6.20 -10.76 -2.50
N ASN A 23 6.95 -9.70 -2.81
CA ASN A 23 6.92 -8.98 -4.09
C ASN A 23 5.51 -8.46 -4.43
N ARG A 24 4.61 -8.34 -3.44
CA ARG A 24 3.23 -7.89 -3.62
C ARG A 24 2.90 -6.70 -2.76
N LEU A 25 1.82 -6.03 -3.14
CA LEU A 25 1.28 -4.87 -2.45
C LEU A 25 0.46 -5.43 -1.30
N GLN A 26 0.67 -4.94 -0.09
CA GLN A 26 -0.03 -5.33 1.11
C GLN A 26 -0.52 -4.06 1.79
N TYR A 27 -1.34 -4.26 2.80
CA TYR A 27 -1.95 -3.22 3.59
C TYR A 27 -2.02 -3.72 5.02
N GLU A 28 -1.96 -2.77 5.95
CA GLU A 28 -1.99 -3.00 7.37
C GLU A 28 -2.93 -1.96 7.97
N THR A 29 -3.95 -2.43 8.67
CA THR A 29 -4.94 -1.63 9.35
C THR A 29 -5.40 -2.40 10.58
N SER A 30 -5.98 -1.66 11.53
CA SER A 30 -6.53 -2.16 12.77
C SER A 30 -8.06 -2.12 12.70
N ARG A 31 -8.63 -1.67 11.57
CA ARG A 31 -10.07 -1.61 11.38
C ARG A 31 -10.66 -3.01 11.48
N ASP A 32 -11.97 -3.08 11.66
CA ASP A 32 -12.69 -4.33 11.77
C ASP A 32 -12.64 -5.14 10.47
N ASN A 33 -12.51 -4.45 9.33
CA ASN A 33 -12.46 -4.95 7.97
C ASN A 33 -11.90 -3.79 7.12
N ILE A 34 -11.72 -4.03 5.82
CA ILE A 34 -11.26 -3.04 4.86
C ILE A 34 -12.30 -3.15 3.73
N PRO A 35 -12.89 -2.04 3.28
CA PRO A 35 -13.87 -2.10 2.22
C PRO A 35 -13.19 -2.50 0.91
N GLU A 36 -13.96 -3.09 0.00
CA GLU A 36 -13.43 -3.51 -1.28
C GLU A 36 -13.01 -2.33 -2.13
N GLU A 37 -13.64 -1.17 -2.01
CA GLU A 37 -13.25 -0.01 -2.82
C GLU A 37 -11.80 0.37 -2.50
N LEU A 38 -11.42 0.32 -1.21
CA LEU A 38 -10.07 0.67 -0.76
C LEU A 38 -9.10 -0.32 -1.38
N LEU A 39 -9.45 -1.61 -1.28
CA LEU A 39 -8.62 -2.66 -1.84
C LEU A 39 -8.46 -2.42 -3.34
N ASN A 40 -9.57 -2.27 -4.05
CA ASN A 40 -9.65 -2.03 -5.48
C ASN A 40 -8.86 -0.81 -5.91
N GLU A 41 -8.90 0.26 -5.14
CA GLU A 41 -8.21 1.51 -5.41
C GLU A 41 -6.70 1.29 -5.33
N TRP A 42 -6.21 0.79 -4.20
CA TRP A 42 -4.79 0.55 -4.01
C TRP A 42 -4.28 -0.49 -5.01
N LYS A 43 -5.07 -1.52 -5.31
CA LYS A 43 -4.70 -2.55 -6.28
C LYS A 43 -4.60 -1.95 -7.68
N TYR A 44 -5.37 -0.90 -7.99
CA TYR A 44 -5.34 -0.25 -9.29
C TYR A 44 -3.97 0.41 -9.57
N TYR A 45 -3.22 0.75 -8.53
CA TYR A 45 -1.89 1.36 -8.59
C TYR A 45 -0.91 0.51 -7.79
N ARG A 46 -1.15 -0.80 -7.63
CA ARG A 46 -0.29 -1.67 -6.83
C ARG A 46 1.19 -1.56 -7.15
N GLN A 47 1.61 -1.61 -8.43
CA GLN A 47 3.02 -1.52 -8.76
C GLN A 47 3.51 -0.10 -8.52
N ASP A 48 2.68 0.91 -8.81
CA ASP A 48 3.03 2.32 -8.61
C ASP A 48 3.39 2.49 -7.13
N LEU A 49 2.56 1.90 -6.26
CA LEU A 49 2.72 1.89 -4.83
C LEU A 49 3.99 1.12 -4.52
N ILE A 50 4.04 -0.19 -4.82
CA ILE A 50 5.16 -1.10 -4.56
C ILE A 50 6.51 -0.46 -4.85
N ASP A 51 6.66 0.15 -6.02
CA ASP A 51 7.90 0.79 -6.44
C ASP A 51 8.47 1.70 -5.38
N PHE A 52 7.59 2.46 -4.71
CA PHE A 52 7.93 3.36 -3.62
C PHE A 52 7.93 2.59 -2.29
N LEU A 53 7.02 1.64 -2.08
CA LEU A 53 6.90 0.89 -0.83
C LEU A 53 8.17 0.14 -0.47
N GLN A 54 8.84 -0.42 -1.48
CA GLN A 54 10.09 -1.13 -1.27
C GLN A 54 11.13 -0.22 -0.62
N GLN A 55 11.12 1.05 -1.03
CA GLN A 55 12.01 2.11 -0.55
C GLN A 55 11.56 2.64 0.82
N LEU A 56 10.25 2.66 1.09
CA LEU A 56 9.68 3.13 2.35
C LEU A 56 10.18 2.25 3.48
N ASP A 57 10.02 0.93 3.36
CA ASP A 57 10.46 -0.01 4.38
C ASP A 57 11.99 -0.18 4.30
N ALA A 58 12.55 -0.02 3.09
CA ALA A 58 13.97 -0.13 2.76
C ALA A 58 14.53 -1.52 3.10
N LYS A 59 13.64 -2.48 3.30
CA LYS A 59 13.91 -3.87 3.63
C LYS A 59 13.16 -4.69 2.59
N GLU A 60 13.68 -5.88 2.32
CA GLU A 60 13.14 -6.81 1.36
C GLU A 60 13.78 -8.16 1.61
N GLU A 61 13.15 -9.21 1.08
CA GLU A 61 13.60 -10.57 1.21
C GLU A 61 12.91 -11.44 0.15
N THR A 62 13.52 -12.58 -0.08
CA THR A 62 13.19 -13.69 -0.97
C THR A 62 14.30 -14.74 -0.76
N GLN A 63 14.20 -15.88 -1.44
CA GLN A 63 15.14 -16.97 -1.35
C GLN A 63 15.62 -17.33 -2.73
N MET A 1 0.03 12.49 -12.78
CA MET A 1 -0.30 11.23 -12.10
C MET A 1 -0.13 11.38 -10.59
N LYS A 2 -0.97 10.69 -9.80
CA LYS A 2 -0.90 10.71 -8.34
C LYS A 2 0.26 9.80 -7.97
N ASN A 3 1.29 10.34 -7.36
CA ASN A 3 2.46 9.58 -6.94
C ASN A 3 2.01 8.64 -5.82
N ALA A 4 2.68 7.49 -5.66
CA ALA A 4 2.42 6.46 -4.65
C ALA A 4 2.27 7.08 -3.27
N ALA A 5 3.14 8.05 -2.96
CA ALA A 5 3.17 8.78 -1.71
C ALA A 5 1.81 9.37 -1.34
N GLN A 6 1.08 9.91 -2.31
CA GLN A 6 -0.23 10.49 -2.08
C GLN A 6 -1.26 9.38 -1.85
N ILE A 7 -1.11 8.24 -2.54
CA ILE A 7 -1.99 7.09 -2.42
C ILE A 7 -1.94 6.56 -0.98
N VAL A 8 -0.73 6.40 -0.43
CA VAL A 8 -0.57 5.89 0.93
C VAL A 8 -1.10 6.90 1.95
N ASP A 9 -0.88 8.19 1.75
CA ASP A 9 -1.36 9.25 2.65
C ASP A 9 -2.87 9.19 2.79
N GLU A 10 -3.57 9.08 1.65
CA GLU A 10 -5.02 9.00 1.57
C GLU A 10 -5.51 7.77 2.35
N ALA A 11 -4.82 6.64 2.22
CA ALA A 11 -5.16 5.40 2.89
C ALA A 11 -4.97 5.53 4.40
N LEU A 12 -3.82 6.07 4.84
CA LEU A 12 -3.47 6.24 6.24
C LEU A 12 -4.58 6.92 7.03
N ASN A 13 -5.19 7.95 6.43
CA ASN A 13 -6.26 8.72 7.01
C ASN A 13 -7.48 7.87 7.36
N GLN A 14 -7.69 6.79 6.61
CA GLN A 14 -8.80 5.84 6.80
C GLN A 14 -8.41 4.72 7.76
N GLY A 15 -7.21 4.79 8.35
CA GLY A 15 -6.69 3.81 9.30
C GLY A 15 -6.03 2.63 8.61
N ILE A 16 -5.50 2.78 7.40
CA ILE A 16 -4.87 1.71 6.65
C ILE A 16 -3.59 2.19 5.97
N THR A 17 -2.47 1.50 6.17
CA THR A 17 -1.20 1.85 5.55
C THR A 17 -0.89 0.76 4.52
N LEU A 18 0.00 1.05 3.56
CA LEU A 18 0.39 0.14 2.50
C LEU A 18 1.85 -0.26 2.73
N PHE A 19 2.16 -1.55 2.63
CA PHE A 19 3.51 -2.12 2.81
C PHE A 19 3.77 -3.20 1.76
N VAL A 20 5.02 -3.67 1.67
CA VAL A 20 5.48 -4.68 0.72
C VAL A 20 6.23 -5.78 1.43
N ALA A 21 5.95 -7.00 0.99
CA ALA A 21 6.53 -8.27 1.40
C ALA A 21 6.22 -9.23 0.26
N ASP A 22 6.98 -10.31 0.09
CA ASP A 22 6.70 -11.31 -0.95
C ASP A 22 6.54 -10.71 -2.36
N ASN A 23 7.20 -9.58 -2.60
CA ASN A 23 7.18 -8.82 -3.85
C ASN A 23 5.75 -8.39 -4.24
N ARG A 24 4.84 -8.27 -3.27
CA ARG A 24 3.45 -7.88 -3.52
C ARG A 24 2.96 -6.76 -2.61
N LEU A 25 1.90 -6.11 -3.05
CA LEU A 25 1.26 -5.01 -2.33
C LEU A 25 0.45 -5.60 -1.19
N GLN A 26 0.69 -5.12 0.03
CA GLN A 26 0.01 -5.51 1.25
C GLN A 26 -0.47 -4.24 1.94
N TYR A 27 -1.24 -4.42 2.99
CA TYR A 27 -1.81 -3.35 3.78
C TYR A 27 -1.73 -3.72 5.25
N GLU A 28 -1.71 -2.70 6.09
CA GLU A 28 -1.63 -2.80 7.53
C GLU A 28 -2.64 -1.82 8.10
N THR A 29 -3.79 -2.32 8.52
CA THR A 29 -4.88 -1.55 9.08
C THR A 29 -5.24 -2.06 10.47
N SER A 30 -5.85 -1.19 11.27
CA SER A 30 -6.31 -1.47 12.63
C SER A 30 -7.84 -1.55 12.64
N ARG A 31 -8.49 -1.33 11.49
CA ARG A 31 -9.94 -1.35 11.31
C ARG A 31 -10.46 -2.77 11.47
N ASP A 32 -11.79 -2.92 11.59
CA ASP A 32 -12.39 -4.24 11.71
C ASP A 32 -12.23 -5.00 10.39
N ASN A 33 -12.17 -4.28 9.27
CA ASN A 33 -11.99 -4.81 7.94
C ASN A 33 -11.68 -3.67 6.98
N ILE A 34 -11.46 -3.99 5.70
CA ILE A 34 -11.15 -3.02 4.67
C ILE A 34 -12.27 -3.04 3.63
N PRO A 35 -12.79 -1.88 3.24
CA PRO A 35 -13.82 -1.82 2.23
C PRO A 35 -13.23 -2.23 0.89
N GLU A 36 -14.09 -2.72 0.01
CA GLU A 36 -13.69 -3.17 -1.33
C GLU A 36 -13.25 -2.02 -2.19
N GLU A 37 -13.85 -0.84 -2.05
CA GLU A 37 -13.49 0.33 -2.83
C GLU A 37 -12.00 0.69 -2.63
N LEU A 38 -11.50 0.53 -1.40
CA LEU A 38 -10.12 0.80 -1.01
C LEU A 38 -9.25 -0.25 -1.67
N LEU A 39 -9.66 -1.52 -1.58
CA LEU A 39 -8.91 -2.61 -2.18
C LEU A 39 -8.79 -2.35 -3.67
N ASN A 40 -9.92 -2.11 -4.35
CA ASN A 40 -10.01 -1.84 -5.78
C ASN A 40 -9.07 -0.72 -6.21
N GLU A 41 -9.03 0.35 -5.43
CA GLU A 41 -8.19 1.52 -5.68
C GLU A 41 -6.73 1.14 -5.58
N TRP A 42 -6.32 0.59 -4.44
CA TRP A 42 -4.93 0.20 -4.20
C TRP A 42 -4.49 -0.88 -5.18
N LYS A 43 -5.39 -1.74 -5.66
CA LYS A 43 -5.08 -2.80 -6.62
C LYS A 43 -4.88 -2.21 -8.01
N TYR A 44 -5.52 -1.09 -8.31
CA TYR A 44 -5.38 -0.42 -9.60
C TYR A 44 -3.94 0.09 -9.70
N TYR A 45 -3.43 0.73 -8.64
CA TYR A 45 -2.10 1.33 -8.54
C TYR A 45 -1.15 0.52 -7.66
N ARG A 46 -1.35 -0.80 -7.50
CA ARG A 46 -0.48 -1.63 -6.67
C ARG A 46 0.97 -1.51 -7.08
N GLN A 47 1.25 -1.52 -8.39
CA GLN A 47 2.61 -1.43 -8.86
C GLN A 47 3.20 -0.06 -8.54
N ASP A 48 2.40 0.99 -8.67
CA ASP A 48 2.86 2.35 -8.40
C ASP A 48 3.23 2.45 -6.94
N LEU A 49 2.33 1.92 -6.11
CA LEU A 49 2.45 1.86 -4.67
C LEU A 49 3.76 1.13 -4.36
N ILE A 50 3.83 -0.17 -4.67
CA ILE A 50 4.97 -1.04 -4.43
C ILE A 50 6.30 -0.37 -4.70
N ASP A 51 6.43 0.31 -5.84
CA ASP A 51 7.67 0.98 -6.22
C ASP A 51 8.20 1.88 -5.13
N PHE A 52 7.32 2.59 -4.42
CA PHE A 52 7.70 3.46 -3.32
C PHE A 52 7.68 2.68 -2.01
N LEU A 53 6.79 1.69 -1.86
CA LEU A 53 6.67 0.91 -0.63
C LEU A 53 7.96 0.21 -0.28
N GLN A 54 8.63 -0.34 -1.29
CA GLN A 54 9.89 -1.04 -1.10
C GLN A 54 10.91 -0.15 -0.39
N GLN A 55 10.99 1.10 -0.86
CA GLN A 55 11.89 2.13 -0.40
C GLN A 55 11.43 2.78 0.91
N LEU A 56 10.12 2.78 1.17
CA LEU A 56 9.55 3.35 2.38
C LEU A 56 10.10 2.59 3.58
N ASP A 57 10.15 1.26 3.46
CA ASP A 57 10.66 0.41 4.53
C ASP A 57 12.18 0.18 4.38
N ALA A 58 12.67 0.18 3.12
CA ALA A 58 14.07 0.00 2.74
C ALA A 58 14.66 -1.34 3.20
N LYS A 59 13.87 -2.42 3.07
CA LYS A 59 14.22 -3.78 3.46
C LYS A 59 14.24 -4.73 2.25
N GLU A 60 14.55 -5.99 2.51
CA GLU A 60 14.63 -7.07 1.53
C GLU A 60 13.24 -7.70 1.29
N GLU A 61 13.16 -8.58 0.31
CA GLU A 61 12.01 -9.37 -0.14
C GLU A 61 12.48 -10.28 -1.28
N THR A 62 11.58 -11.05 -1.89
CA THR A 62 11.82 -11.96 -2.99
C THR A 62 10.43 -12.35 -3.53
N GLN A 63 10.40 -13.13 -4.62
CA GLN A 63 9.22 -13.63 -5.29
C GLN A 63 9.43 -15.12 -5.44
N MET A 1 -1.20 12.01 -12.98
CA MET A 1 -0.92 10.79 -12.21
C MET A 1 -0.78 11.13 -10.73
N LYS A 2 -1.06 10.17 -9.86
CA LYS A 2 -0.98 10.28 -8.40
C LYS A 2 0.04 9.24 -7.98
N ASN A 3 1.15 9.73 -7.49
CA ASN A 3 2.26 8.95 -7.00
C ASN A 3 1.88 8.27 -5.70
N ALA A 4 2.60 7.20 -5.38
CA ALA A 4 2.42 6.35 -4.22
C ALA A 4 2.29 7.16 -2.95
N ALA A 5 3.18 8.13 -2.76
CA ALA A 5 3.22 8.98 -1.60
C ALA A 5 1.85 9.59 -1.28
N GLN A 6 1.12 10.04 -2.32
CA GLN A 6 -0.20 10.61 -2.17
C GLN A 6 -1.24 9.52 -1.90
N ILE A 7 -1.12 8.35 -2.54
CA ILE A 7 -2.05 7.23 -2.35
C ILE A 7 -2.01 6.76 -0.89
N VAL A 8 -0.80 6.49 -0.37
CA VAL A 8 -0.64 6.02 1.00
C VAL A 8 -1.13 7.07 1.99
N ASP A 9 -0.92 8.37 1.71
CA ASP A 9 -1.37 9.44 2.59
C ASP A 9 -2.89 9.40 2.74
N GLU A 10 -3.60 9.25 1.61
CA GLU A 10 -5.06 9.15 1.59
C GLU A 10 -5.52 7.91 2.37
N ALA A 11 -4.87 6.75 2.17
CA ALA A 11 -5.23 5.51 2.84
C ALA A 11 -5.01 5.63 4.35
N LEU A 12 -3.87 6.20 4.75
CA LEU A 12 -3.48 6.37 6.13
C LEU A 12 -4.58 7.10 6.90
N ASN A 13 -5.14 8.14 6.31
CA ASN A 13 -6.23 8.95 6.87
C ASN A 13 -7.45 8.08 7.20
N GLN A 14 -7.67 6.99 6.45
CA GLN A 14 -8.79 6.07 6.64
C GLN A 14 -8.45 4.98 7.68
N GLY A 15 -7.23 4.99 8.18
CA GLY A 15 -6.73 4.05 9.15
C GLY A 15 -6.10 2.81 8.52
N ILE A 16 -5.58 2.89 7.29
CA ILE A 16 -4.99 1.76 6.59
C ILE A 16 -3.68 2.20 5.93
N THR A 17 -2.61 1.48 6.21
CA THR A 17 -1.28 1.73 5.65
C THR A 17 -1.05 0.73 4.52
N LEU A 18 -0.05 1.00 3.66
CA LEU A 18 0.32 0.17 2.54
C LEU A 18 1.78 -0.22 2.77
N PHE A 19 2.09 -1.52 2.65
CA PHE A 19 3.43 -2.09 2.81
C PHE A 19 3.65 -3.17 1.74
N VAL A 20 4.91 -3.55 1.55
CA VAL A 20 5.35 -4.57 0.61
C VAL A 20 5.88 -5.75 1.43
N ALA A 21 5.72 -6.95 0.87
CA ALA A 21 6.16 -8.23 1.36
C ALA A 21 5.90 -9.17 0.19
N ASP A 22 6.59 -10.30 0.10
CA ASP A 22 6.39 -11.29 -0.96
C ASP A 22 6.43 -10.70 -2.37
N ASN A 23 7.13 -9.56 -2.51
CA ASN A 23 7.27 -8.82 -3.76
C ASN A 23 5.90 -8.45 -4.38
N ARG A 24 4.90 -8.19 -3.54
CA ARG A 24 3.54 -7.84 -3.91
C ARG A 24 3.04 -6.70 -3.01
N LEU A 25 1.87 -6.15 -3.32
CA LEU A 25 1.24 -5.08 -2.57
C LEU A 25 0.48 -5.68 -1.40
N GLN A 26 0.60 -5.11 -0.20
CA GLN A 26 -0.07 -5.49 1.05
C GLN A 26 -0.48 -4.18 1.74
N TYR A 27 -1.11 -4.32 2.90
CA TYR A 27 -1.62 -3.23 3.72
C TYR A 27 -1.62 -3.69 5.17
N GLU A 28 -1.78 -2.71 6.06
CA GLU A 28 -1.81 -2.89 7.50
C GLU A 28 -2.82 -1.89 8.06
N THR A 29 -3.96 -2.37 8.55
CA THR A 29 -4.99 -1.53 9.14
C THR A 29 -5.28 -2.04 10.56
N SER A 30 -5.99 -1.22 11.32
CA SER A 30 -6.43 -1.49 12.69
C SER A 30 -7.97 -1.48 12.72
N ARG A 31 -8.61 -1.42 11.55
CA ARG A 31 -10.06 -1.41 11.39
C ARG A 31 -10.60 -2.83 11.62
N ASP A 32 -11.92 -2.95 11.65
CA ASP A 32 -12.64 -4.21 11.81
C ASP A 32 -12.36 -5.08 10.59
N ASN A 33 -12.36 -4.45 9.41
CA ASN A 33 -12.11 -5.00 8.08
C ASN A 33 -11.76 -3.82 7.16
N ILE A 34 -11.72 -4.01 5.84
CA ILE A 34 -11.41 -2.98 4.86
C ILE A 34 -12.48 -3.02 3.76
N PRO A 35 -12.98 -1.87 3.30
CA PRO A 35 -13.95 -1.85 2.24
C PRO A 35 -13.28 -2.33 0.93
N GLU A 36 -14.06 -2.93 0.05
CA GLU A 36 -13.57 -3.45 -1.23
C GLU A 36 -13.06 -2.34 -2.13
N GLU A 37 -13.72 -1.19 -2.12
CA GLU A 37 -13.38 -0.02 -2.92
C GLU A 37 -11.93 0.40 -2.64
N LEU A 38 -11.50 0.35 -1.37
CA LEU A 38 -10.14 0.68 -0.95
C LEU A 38 -9.19 -0.35 -1.54
N LEU A 39 -9.52 -1.64 -1.37
CA LEU A 39 -8.70 -2.71 -1.90
C LEU A 39 -8.54 -2.53 -3.39
N ASN A 40 -9.62 -2.38 -4.14
CA ASN A 40 -9.66 -2.21 -5.59
C ASN A 40 -8.84 -1.01 -6.03
N GLU A 41 -8.88 0.10 -5.28
CA GLU A 41 -8.14 1.29 -5.60
C GLU A 41 -6.65 1.00 -5.46
N TRP A 42 -6.24 0.46 -4.33
CA TRP A 42 -4.85 0.13 -4.08
C TRP A 42 -4.38 -0.96 -5.05
N LYS A 43 -5.26 -1.86 -5.47
CA LYS A 43 -4.99 -2.93 -6.42
C LYS A 43 -4.75 -2.35 -7.81
N TYR A 44 -5.36 -1.22 -8.15
CA TYR A 44 -5.20 -0.58 -9.45
C TYR A 44 -3.83 0.11 -9.56
N TYR A 45 -3.43 0.89 -8.56
CA TYR A 45 -2.16 1.60 -8.51
C TYR A 45 -1.13 0.78 -7.72
N ARG A 46 -1.32 -0.55 -7.61
CA ARG A 46 -0.41 -1.41 -6.87
C ARG A 46 1.03 -1.23 -7.31
N GLN A 47 1.25 -1.08 -8.63
CA GLN A 47 2.58 -0.91 -9.18
C GLN A 47 3.16 0.43 -8.71
N ASP A 48 2.37 1.51 -8.71
CA ASP A 48 2.90 2.81 -8.27
C ASP A 48 3.34 2.71 -6.83
N LEU A 49 2.44 2.12 -6.03
CA LEU A 49 2.57 1.90 -4.61
C LEU A 49 3.85 1.14 -4.35
N ILE A 50 3.89 -0.17 -4.70
CA ILE A 50 5.02 -1.07 -4.47
C ILE A 50 6.34 -0.40 -4.69
N ASP A 51 6.48 0.28 -5.83
CA ASP A 51 7.72 0.94 -6.19
C ASP A 51 8.28 1.79 -5.08
N PHE A 52 7.43 2.56 -4.40
CA PHE A 52 7.83 3.40 -3.27
C PHE A 52 7.82 2.58 -1.98
N LEU A 53 6.91 1.61 -1.83
CA LEU A 53 6.79 0.80 -0.61
C LEU A 53 8.09 0.07 -0.30
N GLN A 54 8.75 -0.46 -1.33
CA GLN A 54 10.02 -1.17 -1.15
C GLN A 54 11.05 -0.23 -0.52
N GLN A 55 11.11 1.01 -1.02
CA GLN A 55 12.03 2.06 -0.59
C GLN A 55 11.68 2.62 0.79
N LEU A 56 10.39 2.71 1.10
CA LEU A 56 9.88 3.21 2.38
C LEU A 56 10.43 2.33 3.49
N ASP A 57 10.29 1.01 3.36
CA ASP A 57 10.79 0.06 4.35
C ASP A 57 12.31 -0.09 4.21
N ALA A 58 12.84 0.15 3.01
CA ALA A 58 14.27 0.03 2.69
C ALA A 58 14.82 -1.36 3.05
N LYS A 59 13.94 -2.37 2.98
CA LYS A 59 14.24 -3.76 3.27
C LYS A 59 13.56 -4.56 2.18
N GLU A 60 14.29 -5.53 1.66
CA GLU A 60 13.87 -6.44 0.61
C GLU A 60 14.41 -7.82 1.00
N GLU A 61 13.85 -8.91 0.48
CA GLU A 61 14.30 -10.26 0.79
C GLU A 61 13.96 -11.18 -0.38
N THR A 62 14.35 -12.45 -0.29
CA THR A 62 14.13 -13.47 -1.31
C THR A 62 12.63 -13.62 -1.64
N GLN A 63 12.32 -14.07 -2.86
CA GLN A 63 10.96 -14.28 -3.32
C GLN A 63 10.54 -15.71 -2.96
N MET A 1 -3.27 11.05 -12.06
CA MET A 1 -1.90 11.54 -11.80
C MET A 1 -1.73 11.69 -10.29
N LYS A 2 -1.53 10.57 -9.58
CA LYS A 2 -1.37 10.54 -8.14
C LYS A 2 -0.25 9.59 -7.78
N ASN A 3 0.88 10.14 -7.35
CA ASN A 3 2.08 9.39 -6.96
C ASN A 3 1.71 8.47 -5.79
N ALA A 4 2.43 7.35 -5.63
CA ALA A 4 2.24 6.36 -4.60
C ALA A 4 2.06 6.99 -3.23
N ALA A 5 2.94 7.94 -2.91
CA ALA A 5 2.94 8.64 -1.64
C ALA A 5 1.58 9.25 -1.33
N GLN A 6 0.91 9.85 -2.31
CA GLN A 6 -0.39 10.46 -2.11
C GLN A 6 -1.43 9.38 -1.83
N ILE A 7 -1.32 8.23 -2.52
CA ILE A 7 -2.23 7.12 -2.34
C ILE A 7 -2.08 6.58 -0.92
N VAL A 8 -0.84 6.41 -0.47
CA VAL A 8 -0.54 5.92 0.86
C VAL A 8 -1.07 6.92 1.89
N ASP A 9 -0.83 8.22 1.70
CA ASP A 9 -1.30 9.28 2.61
C ASP A 9 -2.82 9.24 2.74
N GLU A 10 -3.52 9.07 1.62
CA GLU A 10 -4.98 9.00 1.56
C GLU A 10 -5.50 7.79 2.33
N ALA A 11 -4.80 6.65 2.26
CA ALA A 11 -5.23 5.47 2.97
C ALA A 11 -4.94 5.64 4.47
N LEU A 12 -3.80 6.25 4.80
CA LEU A 12 -3.37 6.52 6.16
C LEU A 12 -4.43 7.37 6.85
N ASN A 13 -5.02 8.30 6.10
CA ASN A 13 -6.06 9.21 6.51
C ASN A 13 -7.23 8.44 7.14
N GLN A 14 -7.52 7.24 6.61
CA GLN A 14 -8.58 6.37 7.08
C GLN A 14 -8.11 5.42 8.19
N GLY A 15 -6.80 5.26 8.36
CA GLY A 15 -6.21 4.38 9.35
C GLY A 15 -5.67 3.08 8.73
N ILE A 16 -5.34 3.06 7.43
CA ILE A 16 -4.83 1.88 6.75
C ILE A 16 -3.48 2.24 6.10
N THR A 17 -2.49 1.39 6.33
CA THR A 17 -1.12 1.50 5.85
C THR A 17 -0.91 0.59 4.65
N LEU A 18 0.07 0.93 3.81
CA LEU A 18 0.43 0.18 2.61
C LEU A 18 1.89 -0.16 2.71
N PHE A 19 2.23 -1.44 2.68
CA PHE A 19 3.63 -1.91 2.75
C PHE A 19 3.88 -3.02 1.71
N VAL A 20 5.13 -3.45 1.55
CA VAL A 20 5.55 -4.49 0.61
C VAL A 20 6.12 -5.67 1.40
N ALA A 21 5.79 -6.87 0.93
CA ALA A 21 6.20 -8.18 1.43
C ALA A 21 5.91 -9.11 0.27
N ASP A 22 6.54 -10.28 0.17
CA ASP A 22 6.27 -11.24 -0.91
C ASP A 22 6.38 -10.57 -2.29
N ASN A 23 7.18 -9.50 -2.41
CA ASN A 23 7.39 -8.70 -3.61
C ASN A 23 6.05 -8.21 -4.19
N ARG A 24 5.02 -8.05 -3.36
CA ARG A 24 3.68 -7.60 -3.76
C ARG A 24 3.16 -6.53 -2.79
N LEU A 25 2.01 -5.96 -3.14
CA LEU A 25 1.32 -4.93 -2.38
C LEU A 25 0.60 -5.55 -1.19
N GLN A 26 0.86 -5.05 0.02
CA GLN A 26 0.25 -5.46 1.28
C GLN A 26 -0.30 -4.22 1.96
N TYR A 27 -1.19 -4.42 2.92
CA TYR A 27 -1.81 -3.36 3.68
C TYR A 27 -1.99 -3.82 5.12
N GLU A 28 -2.04 -2.86 6.03
CA GLU A 28 -2.22 -3.11 7.46
C GLU A 28 -3.12 -2.04 8.06
N THR A 29 -4.18 -2.43 8.76
CA THR A 29 -5.11 -1.52 9.41
C THR A 29 -5.59 -2.09 10.74
N SER A 30 -6.29 -1.26 11.52
CA SER A 30 -6.89 -1.57 12.81
C SER A 30 -8.42 -1.60 12.68
N ARG A 31 -8.97 -1.53 11.45
CA ARG A 31 -10.40 -1.57 11.22
C ARG A 31 -10.85 -3.03 11.32
N ASP A 32 -12.15 -3.25 11.52
CA ASP A 32 -12.74 -4.58 11.63
C ASP A 32 -12.58 -5.41 10.35
N ASN A 33 -12.65 -4.73 9.20
CA ASN A 33 -12.53 -5.21 7.83
C ASN A 33 -11.96 -4.07 7.01
N ILE A 34 -11.85 -4.23 5.70
CA ILE A 34 -11.38 -3.22 4.78
C ILE A 34 -12.41 -3.27 3.65
N PRO A 35 -12.95 -2.13 3.23
CA PRO A 35 -13.92 -2.12 2.16
C PRO A 35 -13.25 -2.48 0.83
N GLU A 36 -14.02 -3.06 -0.08
CA GLU A 36 -13.53 -3.47 -1.40
C GLU A 36 -13.11 -2.30 -2.26
N GLU A 37 -13.74 -1.15 -2.07
CA GLU A 37 -13.46 0.07 -2.82
C GLU A 37 -12.03 0.53 -2.49
N LEU A 38 -11.60 0.40 -1.24
CA LEU A 38 -10.25 0.78 -0.80
C LEU A 38 -9.29 -0.20 -1.45
N LEU A 39 -9.58 -1.49 -1.32
CA LEU A 39 -8.74 -2.52 -1.88
C LEU A 39 -8.59 -2.33 -3.38
N ASN A 40 -9.68 -2.10 -4.10
CA ASN A 40 -9.67 -1.92 -5.54
C ASN A 40 -8.90 -0.70 -5.98
N GLU A 41 -8.97 0.39 -5.21
CA GLU A 41 -8.24 1.61 -5.58
C GLU A 41 -6.75 1.37 -5.41
N TRP A 42 -6.36 0.82 -4.25
CA TRP A 42 -4.96 0.54 -3.98
C TRP A 42 -4.43 -0.51 -4.97
N LYS A 43 -5.23 -1.54 -5.29
CA LYS A 43 -4.88 -2.57 -6.26
C LYS A 43 -4.65 -1.94 -7.62
N TYR A 44 -5.41 -0.89 -7.98
CA TYR A 44 -5.26 -0.24 -9.28
C TYR A 44 -3.82 0.22 -9.48
N TYR A 45 -3.23 0.83 -8.46
CA TYR A 45 -1.88 1.36 -8.46
C TYR A 45 -0.93 0.46 -7.67
N ARG A 46 -1.23 -0.84 -7.48
CA ARG A 46 -0.36 -1.74 -6.72
C ARG A 46 1.09 -1.60 -7.17
N GLN A 47 1.35 -1.56 -8.48
CA GLN A 47 2.71 -1.47 -9.00
C GLN A 47 3.30 -0.09 -8.72
N ASP A 48 2.52 0.97 -8.97
CA ASP A 48 2.98 2.33 -8.74
C ASP A 48 3.36 2.51 -7.27
N LEU A 49 2.55 1.89 -6.40
CA LEU A 49 2.68 1.87 -4.96
C LEU A 49 3.92 1.07 -4.60
N ILE A 50 3.95 -0.23 -4.90
CA ILE A 50 5.05 -1.15 -4.59
C ILE A 50 6.40 -0.50 -4.81
N ASP A 51 6.61 0.12 -5.97
CA ASP A 51 7.87 0.77 -6.30
C ASP A 51 8.37 1.63 -5.14
N PHE A 52 7.50 2.53 -4.66
CA PHE A 52 7.78 3.43 -3.55
C PHE A 52 7.79 2.66 -2.23
N LEU A 53 6.93 1.65 -2.05
CA LEU A 53 6.85 0.87 -0.81
C LEU A 53 8.17 0.18 -0.50
N GLN A 54 8.85 -0.31 -1.54
CA GLN A 54 10.15 -0.97 -1.36
C GLN A 54 11.15 0.02 -0.75
N GLN A 55 11.02 1.31 -1.08
CA GLN A 55 11.87 2.39 -0.60
C GLN A 55 11.42 2.96 0.75
N LEU A 56 10.23 2.62 1.23
CA LEU A 56 9.70 3.09 2.51
C LEU A 56 10.21 2.19 3.64
N ASP A 57 10.47 0.92 3.33
CA ASP A 57 10.98 -0.05 4.29
C ASP A 57 12.43 -0.38 4.01
N ALA A 58 12.91 -0.16 2.77
CA ALA A 58 14.27 -0.43 2.33
C ALA A 58 14.75 -1.81 2.79
N LYS A 59 13.90 -2.82 2.74
CA LYS A 59 14.24 -4.17 3.15
C LYS A 59 14.03 -5.10 1.99
N GLU A 60 15.16 -5.51 1.42
CA GLU A 60 15.30 -6.43 0.30
C GLU A 60 14.33 -7.59 0.42
N GLU A 61 13.43 -7.64 -0.54
CA GLU A 61 12.40 -8.63 -0.68
C GLU A 61 12.05 -8.69 -2.16
N THR A 62 12.61 -9.67 -2.85
CA THR A 62 12.39 -9.91 -4.26
C THR A 62 12.21 -11.41 -4.49
N GLN A 63 11.47 -11.77 -5.52
CA GLN A 63 11.20 -13.15 -5.89
C GLN A 63 12.33 -13.63 -6.78
#